data_2Z0R
#
_entry.id   2Z0R
#
_cell.length_a   67.501
_cell.length_b   94.297
_cell.length_c   101.734
_cell.angle_alpha   90.00
_cell.angle_beta   96.77
_cell.angle_gamma   90.00
#
_symmetry.space_group_name_H-M   'P 1 21 1'
#
loop_
_entity.id
_entity.type
_entity.pdbx_description
1 polymer 'Putative uncharacterized protein TTHA0547'
2 non-polymer 'SULFATE ION'
3 non-polymer 'CHLORIDE ION'
4 water water
#
_entity_poly.entity_id   1
_entity_poly.type   'polypeptide(L)'
_entity_poly.pdbx_seq_one_letter_code
;(MSE)APDLSGTWYVLEGDPGEHLVVEALGERLSGIWTSRELAEAFLAHHPHLG(MSE)RVSALESRALKEAYLRALG
(MSE)LQVEAV(MSE)VDYRPGTHRAQVARVKDLLEEVRRA
;
_entity_poly.pdbx_strand_id   A,B,C,D,E,F,G,H,I,J,K,L
#
# COMPACT_ATOMS: atom_id res chain seq x y z
N LEU A 5 -6.85 11.00 -20.49
CA LEU A 5 -8.04 10.09 -20.38
C LEU A 5 -9.08 10.49 -21.40
N SER A 6 -8.69 11.42 -22.26
CA SER A 6 -9.58 11.94 -23.29
C SER A 6 -10.08 10.90 -24.30
N GLY A 7 -9.20 9.99 -24.70
CA GLY A 7 -9.60 8.99 -25.69
C GLY A 7 -10.50 7.87 -25.20
N THR A 8 -10.52 6.78 -25.95
CA THR A 8 -11.31 5.61 -25.62
C THR A 8 -10.76 4.94 -24.37
N TRP A 9 -11.66 4.36 -23.57
CA TRP A 9 -11.25 3.64 -22.37
C TRP A 9 -11.36 2.15 -22.63
N TYR A 10 -10.35 1.41 -22.20
CA TYR A 10 -10.36 -0.04 -22.35
C TYR A 10 -10.48 -0.58 -20.94
N VAL A 11 -11.52 -1.37 -20.72
CA VAL A 11 -11.78 -1.92 -19.40
C VAL A 11 -12.02 -3.42 -19.46
N LEU A 12 -12.07 -4.04 -18.29
CA LEU A 12 -12.32 -5.47 -18.19
C LEU A 12 -13.76 -5.71 -17.78
N GLU A 13 -14.36 -6.74 -18.36
CA GLU A 13 -15.74 -7.10 -18.05
C GLU A 13 -15.78 -8.60 -17.82
N GLY A 14 -16.66 -9.02 -16.91
CA GLY A 14 -16.84 -10.43 -16.62
C GLY A 14 -18.34 -10.60 -16.64
N ASP A 15 -18.93 -10.89 -15.48
CA ASP A 15 -20.38 -10.99 -15.42
C ASP A 15 -20.79 -9.53 -15.52
N PRO A 16 -22.05 -9.26 -15.88
CA PRO A 16 -22.48 -7.86 -15.99
C PRO A 16 -22.24 -7.03 -14.73
N GLY A 17 -21.66 -5.84 -14.91
CA GLY A 17 -21.37 -5.01 -13.77
C GLY A 17 -20.14 -5.50 -13.04
N GLU A 18 -19.79 -6.76 -13.24
CA GLU A 18 -18.62 -7.29 -12.59
C GLU A 18 -17.38 -6.86 -13.33
N HIS A 19 -16.56 -6.09 -12.63
CA HIS A 19 -15.32 -5.64 -13.17
C HIS A 19 -14.32 -6.20 -12.17
N LEU A 20 -13.04 -6.07 -12.47
CA LEU A 20 -12.03 -6.60 -11.59
C LEU A 20 -11.82 -5.55 -10.52
N VAL A 21 -12.23 -5.86 -9.30
CA VAL A 21 -12.01 -4.93 -8.18
C VAL A 21 -11.03 -5.58 -7.24
N VAL A 22 -10.09 -4.78 -6.75
CA VAL A 22 -9.11 -5.29 -5.80
C VAL A 22 -9.08 -4.41 -4.56
N GLU A 23 -8.96 -5.04 -3.40
CA GLU A 23 -8.87 -4.29 -2.16
C GLU A 23 -7.40 -4.24 -1.76
N ALA A 24 -6.85 -3.04 -1.86
CA ALA A 24 -5.45 -2.79 -1.54
C ALA A 24 -5.37 -1.32 -1.20
N LEU A 25 -4.27 -0.92 -0.59
CA LEU A 25 -4.11 0.47 -0.17
C LEU A 25 -5.28 0.65 0.80
N GLY A 26 -5.88 1.84 0.88
CA GLY A 26 -6.96 1.97 1.83
C GLY A 26 -8.38 1.68 1.33
N GLU A 27 -8.56 1.47 0.03
CA GLU A 27 -9.90 1.24 -0.50
C GLU A 27 -10.07 0.20 -1.60
N ARG A 28 -11.19 0.35 -2.32
CA ARG A 28 -11.55 -0.55 -3.41
C ARG A 28 -11.13 0.09 -4.72
N LEU A 29 -10.52 -0.71 -5.59
CA LEU A 29 -10.02 -0.19 -6.87
C LEU A 29 -10.31 -1.09 -8.05
N SER A 30 -10.38 -0.47 -9.22
CA SER A 30 -10.57 -1.20 -10.46
C SER A 30 -9.49 -0.69 -11.42
N GLY A 31 -9.62 -1.02 -12.70
CA GLY A 31 -8.61 -0.57 -13.65
C GLY A 31 -9.16 -0.11 -14.98
N ILE A 32 -8.52 0.92 -15.52
CA ILE A 32 -8.90 1.47 -16.80
C ILE A 32 -7.63 1.64 -17.64
N TRP A 33 -7.71 1.25 -18.91
CA TRP A 33 -6.54 1.38 -19.79
C TRP A 33 -6.78 2.34 -20.93
N THR A 34 -5.71 3.03 -21.32
CA THR A 34 -5.74 4.01 -22.41
C THR A 34 -5.35 3.31 -23.71
N SER A 35 -4.63 2.20 -23.58
CA SER A 35 -4.16 1.41 -24.72
C SER A 35 -4.76 0.01 -24.73
N ARG A 36 -5.29 -0.41 -25.87
CA ARG A 36 -5.87 -1.75 -25.94
C ARG A 36 -4.74 -2.76 -25.71
N GLU A 37 -3.53 -2.36 -26.09
CA GLU A 37 -2.35 -3.19 -25.95
C GLU A 37 -2.06 -3.54 -24.50
N LEU A 38 -2.08 -2.52 -23.64
CA LEU A 38 -1.83 -2.73 -22.23
C LEU A 38 -2.95 -3.52 -21.60
N ALA A 39 -4.19 -3.22 -21.98
CA ALA A 39 -5.34 -3.93 -21.43
C ALA A 39 -5.31 -5.41 -21.80
N GLU A 40 -5.05 -5.70 -23.08
CA GLU A 40 -4.98 -7.07 -23.55
C GLU A 40 -3.76 -7.80 -22.99
N ALA A 41 -2.69 -7.06 -22.72
CA ALA A 41 -1.49 -7.68 -22.17
C ALA A 41 -1.78 -8.05 -20.71
N PHE A 42 -2.50 -7.18 -20.02
CA PHE A 42 -2.84 -7.45 -18.63
C PHE A 42 -3.77 -8.67 -18.57
N LEU A 43 -4.76 -8.68 -19.46
CA LEU A 43 -5.71 -9.77 -19.47
C LEU A 43 -5.00 -11.09 -19.75
N ALA A 44 -4.04 -11.06 -20.68
CA ALA A 44 -3.30 -12.26 -21.06
C ALA A 44 -2.57 -12.87 -19.89
N HIS A 45 -2.19 -12.04 -18.92
CA HIS A 45 -1.48 -12.48 -17.72
C HIS A 45 -2.41 -12.78 -16.56
N HIS A 46 -3.71 -12.55 -16.77
CA HIS A 46 -4.70 -12.82 -15.75
C HIS A 46 -5.80 -13.69 -16.31
N PRO A 47 -5.50 -14.98 -16.48
CA PRO A 47 -6.41 -15.99 -17.02
C PRO A 47 -7.26 -16.55 -15.88
N HIS A 48 -8.30 -17.29 -16.25
CA HIS A 48 -9.17 -17.94 -15.27
C HIS A 48 -10.04 -17.00 -14.45
N LEU A 49 -10.12 -15.73 -14.85
CA LEU A 49 -10.93 -14.77 -14.11
C LEU A 49 -12.19 -14.42 -14.89
N GLY A 50 -12.39 -15.13 -16.01
CA GLY A 50 -13.54 -14.95 -16.88
C GLY A 50 -13.69 -13.55 -17.44
N ARG A 52 -12.75 -10.12 -20.05
CA ARG A 52 -12.52 -9.78 -21.45
C ARG A 52 -12.33 -8.28 -21.54
N VAL A 53 -11.66 -7.84 -22.58
CA VAL A 53 -11.45 -6.41 -22.78
C VAL A 53 -12.58 -5.86 -23.64
N SER A 54 -13.08 -4.69 -23.27
CA SER A 54 -14.14 -4.06 -24.02
C SER A 54 -13.80 -2.58 -24.12
N ALA A 55 -14.14 -1.95 -25.24
CA ALA A 55 -13.81 -0.55 -25.42
C ALA A 55 -14.98 0.39 -25.16
N LEU A 56 -14.73 1.46 -24.41
CA LEU A 56 -15.75 2.45 -24.10
C LEU A 56 -15.41 3.73 -24.85
N GLU A 57 -16.10 3.96 -25.97
CA GLU A 57 -15.85 5.14 -26.78
C GLU A 57 -16.74 6.33 -26.41
N SER A 58 -18.01 6.05 -26.13
CA SER A 58 -18.97 7.09 -25.78
C SER A 58 -18.74 7.72 -24.41
N ARG A 59 -19.19 8.96 -24.27
CA ARG A 59 -19.09 9.67 -23.02
C ARG A 59 -20.15 9.00 -22.14
N ALA A 60 -21.17 8.47 -22.79
CA ALA A 60 -22.27 7.81 -22.09
C ALA A 60 -21.92 6.37 -21.68
N LEU A 61 -20.97 5.77 -22.40
CA LEU A 61 -20.55 4.43 -22.06
C LEU A 61 -19.56 4.53 -20.90
N LYS A 62 -18.78 5.61 -20.88
CA LYS A 62 -17.83 5.81 -19.80
C LYS A 62 -18.58 6.10 -18.52
N GLU A 63 -19.65 6.89 -18.61
CA GLU A 63 -20.48 7.23 -17.46
C GLU A 63 -21.12 5.98 -16.86
N ALA A 64 -21.77 5.18 -17.71
CA ALA A 64 -22.43 3.96 -17.22
C ALA A 64 -21.43 3.06 -16.52
N TYR A 65 -20.19 3.06 -16.99
CA TYR A 65 -19.13 2.27 -16.40
C TYR A 65 -18.77 2.80 -15.00
N LEU A 66 -18.59 4.11 -14.89
CA LEU A 66 -18.22 4.73 -13.62
C LEU A 66 -19.33 4.66 -12.57
N ARG A 67 -20.57 4.74 -13.01
CA ARG A 67 -21.68 4.66 -12.08
C ARG A 67 -21.78 3.26 -11.50
N ALA A 68 -21.49 2.23 -12.30
CA ALA A 68 -21.54 0.86 -11.79
C ALA A 68 -20.45 0.72 -10.73
N LEU A 69 -19.27 1.27 -11.00
CA LEU A 69 -18.16 1.24 -10.05
C LEU A 69 -18.56 2.02 -8.79
N GLY A 70 -19.19 3.17 -8.99
CA GLY A 70 -19.61 3.98 -7.87
C GLY A 70 -20.53 3.20 -6.95
N LEU A 72 -20.58 0.04 -6.65
CA LEU A 72 -19.85 -1.08 -6.09
C LEU A 72 -18.85 -0.54 -5.07
N GLN A 73 -19.00 0.73 -4.72
CA GLN A 73 -18.12 1.37 -3.74
C GLN A 73 -16.65 1.33 -4.17
N VAL A 74 -16.39 1.58 -5.46
CA VAL A 74 -15.04 1.60 -5.97
C VAL A 74 -14.77 3.09 -6.14
N GLU A 75 -13.90 3.64 -5.30
CA GLU A 75 -13.59 5.05 -5.32
C GLU A 75 -12.46 5.48 -6.23
N ALA A 76 -11.69 4.53 -6.74
CA ALA A 76 -10.57 4.88 -7.59
C ALA A 76 -10.20 3.77 -8.57
N VAL A 77 -9.65 4.17 -9.71
CA VAL A 77 -9.26 3.21 -10.71
C VAL A 77 -7.79 3.43 -11.05
N VAL A 79 -4.89 3.62 -13.67
CA VAL A 79 -4.83 3.95 -15.09
C VAL A 79 -3.61 3.31 -15.73
N ASP A 80 -3.84 2.50 -16.76
CA ASP A 80 -2.77 1.80 -17.48
C ASP A 80 -1.82 1.02 -16.58
N TYR A 81 -2.39 0.22 -15.69
CA TYR A 81 -1.58 -0.58 -14.76
C TYR A 81 -0.76 -1.64 -15.52
N ARG A 82 0.44 -1.93 -15.00
CA ARG A 82 1.33 -2.93 -15.59
C ARG A 82 2.58 -3.07 -14.72
N PRO A 83 3.23 -4.24 -14.75
CA PRO A 83 4.44 -4.47 -13.95
C PRO A 83 5.58 -3.60 -14.46
N GLY A 84 6.60 -3.45 -13.62
CA GLY A 84 7.77 -2.68 -13.99
C GLY A 84 7.63 -1.18 -14.10
N THR A 85 6.73 -0.59 -13.33
CA THR A 85 6.54 0.85 -13.38
C THR A 85 7.12 1.42 -12.09
N HIS A 86 7.48 2.70 -12.09
CA HIS A 86 8.01 3.31 -10.89
C HIS A 86 6.87 3.46 -9.90
N ARG A 87 5.80 4.12 -10.33
CA ARG A 87 4.62 4.33 -9.51
C ARG A 87 3.38 4.11 -10.39
N ALA A 88 2.23 3.90 -9.75
CA ALA A 88 0.99 3.68 -10.48
C ALA A 88 0.21 4.98 -10.60
N GLN A 89 -0.65 5.05 -11.61
CA GLN A 89 -1.47 6.23 -11.85
C GLN A 89 -2.87 5.94 -11.31
N VAL A 90 -3.31 6.75 -10.35
CA VAL A 90 -4.62 6.57 -9.72
C VAL A 90 -5.53 7.75 -9.96
N ALA A 91 -6.79 7.48 -10.30
CA ALA A 91 -7.75 8.52 -10.56
C ALA A 91 -9.04 8.26 -9.79
N ARG A 92 -9.51 9.25 -9.04
CA ARG A 92 -10.75 9.11 -8.28
C ARG A 92 -11.90 8.91 -9.24
N VAL A 93 -12.77 7.96 -8.93
CA VAL A 93 -13.92 7.69 -9.77
C VAL A 93 -14.81 8.93 -9.79
N LYS A 94 -14.81 9.67 -8.68
CA LYS A 94 -15.61 10.89 -8.58
C LYS A 94 -15.08 11.93 -9.54
N ASP A 95 -13.77 12.03 -9.67
CA ASP A 95 -13.18 13.01 -10.58
C ASP A 95 -13.52 12.62 -12.03
N LEU A 96 -13.10 11.42 -12.43
CA LEU A 96 -13.38 10.92 -13.78
C LEU A 96 -14.85 11.09 -14.11
N LEU A 97 -15.68 10.83 -13.10
CA LEU A 97 -17.12 10.93 -13.26
C LEU A 97 -17.50 12.37 -13.63
N GLU A 98 -17.11 13.33 -12.79
CA GLU A 98 -17.42 14.74 -13.07
C GLU A 98 -16.84 15.17 -14.41
N GLU A 99 -15.61 14.73 -14.68
CA GLU A 99 -14.95 15.06 -15.94
C GLU A 99 -15.78 14.61 -17.12
N VAL A 100 -16.19 13.35 -17.12
CA VAL A 100 -17.00 12.78 -18.20
C VAL A 100 -18.33 13.49 -18.36
N ARG A 101 -18.90 13.95 -17.25
CA ARG A 101 -20.17 14.65 -17.27
C ARG A 101 -20.08 15.84 -18.22
N ASP B 4 -0.62 -29.81 -2.51
CA ASP B 4 -1.19 -29.97 -1.13
C ASP B 4 -1.06 -28.67 -0.36
N LEU B 5 -1.91 -28.51 0.65
CA LEU B 5 -1.90 -27.31 1.46
C LEU B 5 -1.15 -27.49 2.78
N SER B 6 -0.55 -28.65 3.00
CA SER B 6 0.18 -28.84 4.24
C SER B 6 1.42 -27.98 4.03
N GLY B 7 2.13 -27.66 5.10
CA GLY B 7 3.30 -26.80 4.92
C GLY B 7 2.90 -25.33 4.94
N THR B 8 3.88 -24.47 5.08
CA THR B 8 3.64 -23.04 5.15
C THR B 8 2.81 -22.45 4.02
N TRP B 9 1.82 -21.62 4.38
CA TRP B 9 1.00 -20.95 3.41
C TRP B 9 1.65 -19.58 3.25
N TYR B 10 1.77 -19.10 2.01
CA TYR B 10 2.35 -17.80 1.74
C TYR B 10 1.21 -16.97 1.17
N VAL B 11 0.93 -15.84 1.81
CA VAL B 11 -0.15 -14.97 1.38
C VAL B 11 0.30 -13.52 1.29
N LEU B 12 -0.53 -12.67 0.70
CA LEU B 12 -0.22 -11.26 0.55
C LEU B 12 -0.89 -10.43 1.64
N GLU B 13 -0.13 -9.52 2.22
CA GLU B 13 -0.60 -8.67 3.31
C GLU B 13 0.02 -7.28 3.21
N GLY B 14 -0.80 -6.26 3.48
CA GLY B 14 -0.30 -4.89 3.46
C GLY B 14 -0.13 -4.56 4.93
N ASP B 15 -0.89 -3.59 5.43
CA ASP B 15 -0.83 -3.25 6.85
C ASP B 15 -1.33 -4.54 7.50
N PRO B 16 -0.88 -4.83 8.73
CA PRO B 16 -1.35 -6.07 9.35
C PRO B 16 -2.87 -6.21 9.23
N GLY B 17 -3.32 -7.37 8.76
CA GLY B 17 -4.74 -7.60 8.62
C GLY B 17 -5.31 -7.25 7.26
N GLU B 18 -4.64 -6.38 6.50
CA GLU B 18 -5.20 -6.05 5.20
C GLU B 18 -4.62 -6.96 4.13
N HIS B 19 -5.36 -8.02 3.85
CA HIS B 19 -4.96 -9.00 2.86
C HIS B 19 -5.56 -8.68 1.50
N LEU B 20 -4.95 -9.19 0.45
CA LEU B 20 -5.44 -8.94 -0.88
C LEU B 20 -6.74 -9.65 -1.17
N VAL B 21 -7.77 -8.89 -1.52
CA VAL B 21 -9.06 -9.47 -1.87
C VAL B 21 -9.33 -9.03 -3.31
N VAL B 22 -9.71 -9.97 -4.16
CA VAL B 22 -10.00 -9.66 -5.54
C VAL B 22 -11.41 -10.12 -5.90
N GLU B 23 -12.16 -9.30 -6.62
CA GLU B 23 -13.51 -9.70 -7.01
C GLU B 23 -13.56 -10.16 -8.45
N ALA B 24 -13.75 -11.46 -8.61
CA ALA B 24 -13.84 -12.08 -9.93
C ALA B 24 -14.58 -13.39 -9.72
N LEU B 25 -15.07 -13.97 -10.81
CA LEU B 25 -15.80 -15.23 -10.74
C LEU B 25 -17.03 -15.11 -9.85
N GLY B 26 -17.57 -13.91 -9.76
CA GLY B 26 -18.75 -13.65 -8.96
C GLY B 26 -18.56 -13.82 -7.46
N GLU B 27 -17.34 -13.59 -6.98
CA GLU B 27 -17.10 -13.74 -5.56
C GLU B 27 -15.92 -12.91 -5.09
N ARG B 28 -15.70 -12.91 -3.79
CA ARG B 28 -14.59 -12.21 -3.21
C ARG B 28 -13.51 -13.28 -2.99
N LEU B 29 -12.38 -13.12 -3.68
CA LEU B 29 -11.29 -14.08 -3.60
C LEU B 29 -10.02 -13.51 -2.99
N SER B 30 -9.27 -14.37 -2.31
CA SER B 30 -7.97 -13.97 -1.76
C SER B 30 -7.00 -14.97 -2.38
N GLY B 31 -5.79 -15.07 -1.84
CA GLY B 31 -4.87 -16.02 -2.42
C GLY B 31 -3.92 -16.65 -1.45
N ILE B 32 -3.56 -17.89 -1.75
CA ILE B 32 -2.60 -18.64 -0.95
C ILE B 32 -1.63 -19.25 -1.94
N TRP B 33 -0.34 -19.11 -1.67
CA TRP B 33 0.69 -19.69 -2.51
C TRP B 33 1.42 -20.75 -1.68
N THR B 34 1.80 -21.85 -2.32
CA THR B 34 2.45 -22.93 -1.60
C THR B 34 3.95 -22.82 -1.48
N SER B 35 4.51 -21.69 -1.89
CA SER B 35 5.94 -21.47 -1.77
C SER B 35 6.22 -19.96 -1.86
N ARG B 36 7.24 -19.50 -1.15
CA ARG B 36 7.60 -18.10 -1.13
C ARG B 36 7.91 -17.60 -2.53
N GLU B 37 8.55 -18.45 -3.33
CA GLU B 37 8.87 -18.10 -4.72
C GLU B 37 7.63 -17.83 -5.55
N LEU B 38 6.63 -18.70 -5.46
CA LEU B 38 5.41 -18.50 -6.22
C LEU B 38 4.69 -17.23 -5.77
N ALA B 39 4.69 -16.96 -4.47
CA ALA B 39 4.02 -15.77 -3.98
C ALA B 39 4.79 -14.50 -4.38
N GLU B 40 6.12 -14.54 -4.27
CA GLU B 40 6.90 -13.37 -4.65
C GLU B 40 6.85 -13.15 -6.17
N ALA B 41 6.73 -14.24 -6.92
CA ALA B 41 6.61 -14.12 -8.36
C ALA B 41 5.33 -13.35 -8.65
N PHE B 42 4.24 -13.75 -8.01
CA PHE B 42 2.97 -13.05 -8.20
C PHE B 42 3.12 -11.61 -7.72
N LEU B 43 3.80 -11.42 -6.60
CA LEU B 43 4.01 -10.09 -6.04
C LEU B 43 4.77 -9.23 -7.06
N ALA B 44 5.76 -9.82 -7.71
CA ALA B 44 6.56 -9.11 -8.71
C ALA B 44 5.72 -8.60 -9.87
N HIS B 45 4.62 -9.28 -10.18
CA HIS B 45 3.75 -8.85 -11.28
C HIS B 45 2.59 -7.94 -10.83
N HIS B 46 2.55 -7.59 -9.55
CA HIS B 46 1.50 -6.72 -9.04
C HIS B 46 2.03 -5.72 -8.02
N PRO B 47 2.82 -4.73 -8.48
CA PRO B 47 3.39 -3.71 -7.60
C PRO B 47 2.38 -2.60 -7.31
N HIS B 48 2.79 -1.65 -6.49
CA HIS B 48 1.98 -0.51 -6.14
C HIS B 48 0.66 -0.80 -5.43
N LEU B 49 0.56 -1.99 -4.86
CA LEU B 49 -0.63 -2.40 -4.11
C LEU B 49 -0.31 -2.41 -2.62
N GLY B 50 0.90 -1.97 -2.28
CA GLY B 50 1.32 -1.93 -0.88
C GLY B 50 1.37 -3.29 -0.22
N ARG B 52 3.00 -7.27 0.55
CA ARG B 52 4.23 -8.00 0.82
C ARG B 52 3.84 -9.44 1.11
N VAL B 53 4.76 -10.38 0.90
CA VAL B 53 4.48 -11.78 1.15
C VAL B 53 4.60 -12.08 2.64
N SER B 54 3.64 -12.81 3.16
CA SER B 54 3.63 -13.19 4.55
C SER B 54 3.52 -14.72 4.66
N ALA B 55 4.34 -15.30 5.54
CA ALA B 55 4.33 -16.74 5.73
C ALA B 55 3.53 -17.16 6.96
N LEU B 56 2.64 -18.12 6.77
CA LEU B 56 1.83 -18.65 7.84
C LEU B 56 2.40 -20.05 8.06
N GLU B 57 3.37 -20.13 8.95
CA GLU B 57 4.03 -21.39 9.24
C GLU B 57 3.31 -22.31 10.20
N SER B 58 2.54 -21.74 11.11
CA SER B 58 1.85 -22.57 12.09
C SER B 58 0.39 -22.82 11.80
N ARG B 59 -0.19 -23.72 12.59
CA ARG B 59 -1.59 -24.06 12.47
C ARG B 59 -2.34 -22.84 12.94
N ALA B 60 -1.88 -22.25 14.04
CA ALA B 60 -2.53 -21.08 14.58
C ALA B 60 -2.61 -19.92 13.58
N LEU B 61 -1.50 -19.64 12.89
CA LEU B 61 -1.48 -18.54 11.92
C LEU B 61 -2.34 -18.83 10.70
N LYS B 62 -2.33 -20.07 10.24
CA LYS B 62 -3.15 -20.43 9.09
C LYS B 62 -4.61 -20.26 9.51
N GLU B 63 -4.90 -20.65 10.74
CA GLU B 63 -6.23 -20.58 11.30
C GLU B 63 -6.69 -19.12 11.42
N ALA B 64 -5.84 -18.28 11.99
CA ALA B 64 -6.17 -16.87 12.16
C ALA B 64 -6.44 -16.24 10.79
N TYR B 65 -5.68 -16.69 9.79
CA TYR B 65 -5.82 -16.20 8.43
C TYR B 65 -7.22 -16.49 7.89
N LEU B 66 -7.69 -17.72 8.06
CA LEU B 66 -9.02 -18.10 7.58
C LEU B 66 -10.10 -17.30 8.28
N ARG B 67 -9.96 -17.13 9.59
CA ARG B 67 -10.91 -16.35 10.38
C ARG B 67 -10.98 -14.95 9.79
N ALA B 68 -9.80 -14.38 9.50
CA ALA B 68 -9.72 -13.05 8.93
C ALA B 68 -10.40 -12.98 7.56
N LEU B 69 -10.24 -14.02 6.75
CA LEU B 69 -10.87 -14.03 5.44
C LEU B 69 -12.37 -13.98 5.66
N GLY B 70 -12.82 -14.57 6.77
CA GLY B 70 -14.23 -14.57 7.10
C GLY B 70 -14.69 -13.15 7.47
N LEU B 72 -13.47 -10.56 6.33
CA LEU B 72 -13.41 -9.86 5.04
C LEU B 72 -14.48 -10.37 4.08
N GLN B 73 -15.24 -11.37 4.54
CA GLN B 73 -16.32 -11.97 3.74
C GLN B 73 -15.82 -12.58 2.45
N VAL B 74 -14.71 -13.30 2.55
CA VAL B 74 -14.13 -13.98 1.41
C VAL B 74 -14.49 -15.46 1.61
N GLU B 75 -15.12 -16.07 0.61
CA GLU B 75 -15.49 -17.48 0.76
C GLU B 75 -14.68 -18.42 -0.13
N ALA B 76 -13.63 -17.90 -0.76
CA ALA B 76 -12.79 -18.73 -1.62
C ALA B 76 -11.43 -18.10 -1.82
N VAL B 77 -10.43 -18.95 -2.03
CA VAL B 77 -9.06 -18.49 -2.27
C VAL B 77 -8.51 -19.23 -3.46
N VAL B 79 -5.45 -20.94 -5.17
CA VAL B 79 -4.21 -21.58 -4.73
C VAL B 79 -3.17 -21.56 -5.85
N ASP B 80 -1.98 -21.06 -5.51
CA ASP B 80 -0.88 -20.95 -6.44
C ASP B 80 -1.28 -20.35 -7.77
N TYR B 81 -1.99 -19.24 -7.71
CA TYR B 81 -2.41 -18.58 -8.94
C TYR B 81 -1.20 -18.03 -9.68
N ARG B 82 -1.25 -18.15 -11.01
CA ARG B 82 -0.19 -17.63 -11.86
C ARG B 82 -0.61 -17.77 -13.32
N PRO B 83 0.05 -17.04 -14.23
CA PRO B 83 -0.33 -17.16 -15.64
C PRO B 83 -0.09 -18.64 -16.01
N GLY B 84 -1.10 -19.48 -15.82
CA GLY B 84 -0.96 -20.89 -16.10
C GLY B 84 -1.82 -21.47 -17.21
N THR B 85 -1.63 -22.76 -17.47
CA THR B 85 -2.38 -23.45 -18.51
C THR B 85 -3.48 -24.36 -17.97
N HIS B 86 -3.40 -24.69 -16.68
CA HIS B 86 -4.41 -25.54 -16.04
C HIS B 86 -5.50 -24.70 -15.40
N ARG B 87 -6.70 -25.23 -15.33
CA ARG B 87 -7.80 -24.50 -14.71
C ARG B 87 -7.41 -24.11 -13.29
N ALA B 88 -7.57 -22.84 -12.97
CA ALA B 88 -7.24 -22.32 -11.65
C ALA B 88 -7.72 -23.21 -10.52
N GLN B 89 -7.03 -23.12 -9.39
CA GLN B 89 -7.38 -23.91 -8.22
C GLN B 89 -8.05 -22.97 -7.21
N VAL B 90 -9.37 -23.12 -7.09
CA VAL B 90 -10.16 -22.30 -6.18
C VAL B 90 -10.68 -23.18 -5.05
N ALA B 91 -10.34 -22.83 -3.82
CA ALA B 91 -10.75 -23.60 -2.66
C ALA B 91 -11.72 -22.78 -1.84
N ARG B 92 -12.79 -23.42 -1.36
CA ARG B 92 -13.75 -22.72 -0.53
C ARG B 92 -13.15 -22.56 0.86
N VAL B 93 -13.36 -21.41 1.48
CA VAL B 93 -12.84 -21.16 2.81
C VAL B 93 -13.45 -22.17 3.78
N LYS B 94 -14.72 -22.51 3.57
CA LYS B 94 -15.37 -23.47 4.45
C LYS B 94 -14.63 -24.80 4.38
N ASP B 95 -14.08 -25.14 3.21
CA ASP B 95 -13.32 -26.38 3.08
C ASP B 95 -11.94 -26.26 3.69
N LEU B 96 -11.31 -25.10 3.53
CA LEU B 96 -9.99 -24.88 4.12
C LEU B 96 -10.07 -24.94 5.65
N LEU B 97 -11.16 -24.43 6.24
CA LEU B 97 -11.33 -24.44 7.69
C LEU B 97 -11.31 -25.87 8.22
N GLU B 98 -11.69 -26.82 7.37
CA GLU B 98 -11.69 -28.23 7.75
C GLU B 98 -10.27 -28.75 7.58
N GLU B 99 -9.67 -28.46 6.43
CA GLU B 99 -8.31 -28.89 6.15
C GLU B 99 -7.30 -28.49 7.19
N VAL B 100 -7.29 -27.21 7.59
CA VAL B 100 -6.31 -26.76 8.59
C VAL B 100 -6.30 -27.58 9.86
N ARG B 101 -7.34 -28.37 10.08
CA ARG B 101 -7.40 -29.20 11.29
C ARG B 101 -6.52 -30.43 11.16
N ARG B 102 -5.88 -30.59 10.00
CA ARG B 102 -4.97 -31.69 9.76
C ARG B 102 -3.60 -31.19 10.19
N ALA B 103 -3.44 -29.87 10.24
CA ALA B 103 -2.18 -29.26 10.64
C ALA B 103 -2.13 -29.01 12.15
N ASP C 4 -35.53 -15.48 34.76
CA ASP C 4 -35.55 -15.93 33.35
C ASP C 4 -35.59 -14.74 32.37
N LEU C 5 -35.68 -15.07 31.09
CA LEU C 5 -35.68 -14.08 30.00
C LEU C 5 -36.97 -13.30 29.79
N SER C 6 -38.00 -13.58 30.59
CA SER C 6 -39.28 -12.88 30.44
C SER C 6 -39.33 -11.51 31.14
N GLY C 7 -38.48 -11.31 32.15
CA GLY C 7 -38.45 -10.05 32.85
C GLY C 7 -37.51 -9.04 32.21
N THR C 8 -37.12 -8.03 32.97
CA THR C 8 -36.22 -6.99 32.51
C THR C 8 -34.79 -7.50 32.21
N TRP C 9 -34.26 -7.12 31.04
CA TRP C 9 -32.91 -7.51 30.66
C TRP C 9 -31.93 -6.40 31.02
N TYR C 10 -30.80 -6.80 31.58
CA TYR C 10 -29.76 -5.85 31.97
C TYR C 10 -28.55 -6.14 31.08
N VAL C 11 -28.10 -5.12 30.37
CA VAL C 11 -26.97 -5.26 29.49
C VAL C 11 -25.94 -4.18 29.74
N LEU C 12 -24.83 -4.28 29.04
CA LEU C 12 -23.75 -3.32 29.18
C LEU C 12 -23.63 -2.48 27.92
N GLU C 13 -23.32 -1.20 28.11
CA GLU C 13 -23.13 -0.32 26.97
C GLU C 13 -22.32 0.90 27.35
N GLY C 14 -21.46 1.33 26.43
CA GLY C 14 -20.64 2.50 26.67
C GLY C 14 -21.44 3.71 26.25
N ASP C 15 -21.04 4.34 25.16
CA ASP C 15 -21.77 5.49 24.64
C ASP C 15 -23.04 4.92 24.06
N PRO C 16 -23.98 5.77 23.63
CA PRO C 16 -25.23 5.26 23.07
C PRO C 16 -24.99 4.23 21.96
N GLY C 17 -25.50 3.02 22.17
CA GLY C 17 -25.36 1.97 21.17
C GLY C 17 -24.08 1.15 21.17
N GLU C 18 -23.06 1.63 21.90
CA GLU C 18 -21.79 0.93 21.97
C GLU C 18 -21.94 -0.22 22.96
N HIS C 19 -22.37 -1.37 22.46
CA HIS C 19 -22.58 -2.55 23.31
C HIS C 19 -21.35 -3.46 23.44
N LEU C 20 -21.24 -4.13 24.58
CA LEU C 20 -20.11 -5.02 24.79
C LEU C 20 -20.20 -6.20 23.83
N VAL C 21 -19.13 -6.42 23.07
CA VAL C 21 -19.06 -7.53 22.14
C VAL C 21 -17.82 -8.33 22.49
N VAL C 22 -18.02 -9.61 22.81
CA VAL C 22 -16.90 -10.46 23.17
C VAL C 22 -16.80 -11.59 22.14
N GLU C 23 -15.58 -11.92 21.74
CA GLU C 23 -15.38 -13.00 20.80
C GLU C 23 -14.85 -14.19 21.58
N ALA C 24 -15.73 -15.18 21.73
CA ALA C 24 -15.41 -16.40 22.46
C ALA C 24 -16.34 -17.52 21.98
N LEU C 25 -15.95 -18.76 22.23
CA LEU C 25 -16.75 -19.91 21.82
C LEU C 25 -17.05 -19.88 20.32
N GLY C 26 -16.11 -19.35 19.55
CA GLY C 26 -16.28 -19.33 18.12
C GLY C 26 -17.14 -18.25 17.49
N GLU C 27 -17.62 -17.31 18.28
CA GLU C 27 -18.42 -16.26 17.66
C GLU C 27 -18.50 -14.97 18.45
N ARG C 28 -19.17 -13.99 17.87
CA ARG C 28 -19.36 -12.70 18.48
C ARG C 28 -20.54 -12.79 19.42
N LEU C 29 -20.27 -12.63 20.71
CA LEU C 29 -21.30 -12.72 21.73
C LEU C 29 -21.41 -11.42 22.50
N SER C 30 -22.61 -11.16 22.99
CA SER C 30 -22.87 -10.00 23.80
C SER C 30 -23.40 -10.60 25.12
N GLY C 31 -23.90 -9.79 26.04
CA GLY C 31 -24.39 -10.35 27.28
C GLY C 31 -25.70 -9.82 27.81
N ILE C 32 -26.49 -10.70 28.41
CA ILE C 32 -27.76 -10.33 29.02
C ILE C 32 -27.77 -10.87 30.43
N TRP C 33 -28.17 -10.03 31.38
CA TRP C 33 -28.27 -10.43 32.77
C TRP C 33 -29.71 -10.25 33.23
N THR C 34 -30.21 -11.25 33.95
CA THR C 34 -31.56 -11.29 34.45
C THR C 34 -31.74 -10.52 35.77
N SER C 35 -30.68 -9.88 36.24
CA SER C 35 -30.75 -9.12 37.48
C SER C 35 -29.71 -8.00 37.46
N ARG C 36 -30.14 -6.82 37.91
CA ARG C 36 -29.27 -5.66 37.94
C ARG C 36 -28.04 -5.99 38.78
N GLU C 37 -28.22 -6.80 39.81
CA GLU C 37 -27.11 -7.18 40.67
C GLU C 37 -26.07 -8.02 39.92
N LEU C 38 -26.51 -8.95 39.09
CA LEU C 38 -25.55 -9.77 38.31
C LEU C 38 -24.80 -8.95 37.27
N ALA C 39 -25.51 -8.04 36.59
CA ALA C 39 -24.88 -7.21 35.57
C ALA C 39 -23.84 -6.33 36.24
N GLU C 40 -24.14 -5.87 37.44
CA GLU C 40 -23.25 -5.01 38.19
C GLU C 40 -22.01 -5.74 38.67
N ALA C 41 -22.19 -6.97 39.14
CA ALA C 41 -21.07 -7.77 39.61
C ALA C 41 -20.13 -7.98 38.42
N PHE C 42 -20.70 -8.31 37.26
CA PHE C 42 -19.90 -8.51 36.05
C PHE C 42 -19.16 -7.22 35.72
N LEU C 43 -19.89 -6.10 35.72
CA LEU C 43 -19.28 -4.81 35.42
C LEU C 43 -18.16 -4.54 36.42
N ALA C 44 -18.39 -4.88 37.68
CA ALA C 44 -17.39 -4.65 38.71
C ALA C 44 -16.10 -5.41 38.40
N HIS C 45 -16.22 -6.58 37.79
CA HIS C 45 -15.06 -7.41 37.45
C HIS C 45 -14.45 -7.09 36.08
N HIS C 46 -15.04 -6.15 35.35
CA HIS C 46 -14.53 -5.80 34.05
C HIS C 46 -14.39 -4.29 33.87
N PRO C 47 -13.49 -3.68 34.65
CA PRO C 47 -13.22 -2.23 34.63
C PRO C 47 -12.52 -1.78 33.36
N HIS C 48 -12.45 -0.45 33.20
CA HIS C 48 -11.76 0.21 32.09
C HIS C 48 -12.22 -0.10 30.67
N LEU C 49 -13.47 -0.50 30.50
CA LEU C 49 -13.97 -0.79 29.17
C LEU C 49 -15.01 0.27 28.78
N GLY C 50 -15.23 1.24 29.67
CA GLY C 50 -16.18 2.31 29.44
C GLY C 50 -17.61 1.85 29.44
N ARG C 52 -21.28 0.49 31.29
CA ARG C 52 -22.22 0.84 32.35
C ARG C 52 -23.39 -0.12 32.11
N VAL C 53 -24.23 -0.36 33.11
CA VAL C 53 -25.35 -1.25 32.85
C VAL C 53 -26.59 -0.43 32.50
N SER C 54 -27.44 -0.98 31.62
CA SER C 54 -28.66 -0.31 31.19
C SER C 54 -29.77 -1.34 31.31
N ALA C 55 -30.97 -0.88 31.68
CA ALA C 55 -32.09 -1.80 31.83
C ALA C 55 -33.04 -1.71 30.64
N LEU C 56 -33.45 -2.87 30.13
CA LEU C 56 -34.38 -2.93 29.00
C LEU C 56 -35.66 -3.60 29.50
N GLU C 57 -36.54 -2.80 30.08
CA GLU C 57 -37.81 -3.28 30.63
C GLU C 57 -38.88 -3.51 29.57
N SER C 58 -39.15 -2.52 28.75
CA SER C 58 -40.17 -2.65 27.71
C SER C 58 -39.65 -3.52 26.59
N ARG C 59 -40.53 -4.30 25.99
CA ARG C 59 -40.13 -5.19 24.92
C ARG C 59 -39.69 -4.41 23.68
N ALA C 60 -39.94 -3.10 23.69
CA ALA C 60 -39.52 -2.24 22.58
C ALA C 60 -38.04 -1.98 22.77
N LEU C 61 -37.61 -1.87 24.02
CA LEU C 61 -36.19 -1.62 24.31
C LEU C 61 -35.42 -2.92 24.05
N LYS C 62 -36.10 -4.04 24.21
CA LYS C 62 -35.49 -5.35 23.96
C LYS C 62 -35.29 -5.59 22.47
N GLU C 63 -36.28 -5.25 21.67
CA GLU C 63 -36.16 -5.45 20.24
C GLU C 63 -35.08 -4.56 19.63
N ALA C 64 -35.00 -3.33 20.09
CA ALA C 64 -34.00 -2.40 19.57
C ALA C 64 -32.62 -2.96 19.91
N TYR C 65 -32.52 -3.58 21.07
CA TYR C 65 -31.24 -4.16 21.52
C TYR C 65 -30.89 -5.38 20.66
N LEU C 66 -31.89 -6.21 20.39
CA LEU C 66 -31.68 -7.39 19.57
C LEU C 66 -31.38 -7.00 18.13
N ARG C 67 -31.86 -5.84 17.70
CA ARG C 67 -31.58 -5.39 16.34
C ARG C 67 -30.19 -4.80 16.33
N ALA C 68 -29.83 -4.14 17.43
CA ALA C 68 -28.50 -3.55 17.56
C ALA C 68 -27.48 -4.67 17.47
N LEU C 69 -27.78 -5.80 18.13
CA LEU C 69 -26.87 -6.95 18.10
C LEU C 69 -26.66 -7.35 16.64
N GLY C 70 -27.76 -7.39 15.88
CA GLY C 70 -27.68 -7.73 14.47
C GLY C 70 -26.72 -6.82 13.72
N LEU C 72 -24.27 -5.30 14.91
CA LEU C 72 -22.93 -5.53 15.41
C LEU C 72 -22.51 -6.93 15.00
N GLN C 73 -23.41 -7.58 14.27
CA GLN C 73 -23.22 -8.94 13.79
C GLN C 73 -22.99 -9.94 14.90
N VAL C 74 -23.85 -9.89 15.91
CA VAL C 74 -23.83 -10.78 17.05
C VAL C 74 -25.09 -11.64 16.96
N GLU C 75 -24.95 -12.96 16.81
CA GLU C 75 -26.11 -13.83 16.69
C GLU C 75 -26.41 -14.63 17.96
N ALA C 76 -25.59 -14.43 18.99
CA ALA C 76 -25.77 -15.14 20.24
C ALA C 76 -25.36 -14.27 21.43
N VAL C 77 -25.83 -14.64 22.61
CA VAL C 77 -25.54 -13.88 23.79
C VAL C 77 -25.42 -14.81 24.99
N VAL C 79 -26.02 -15.62 28.90
CA VAL C 79 -27.02 -15.22 29.88
C VAL C 79 -26.53 -15.46 31.30
N ASP C 80 -26.53 -14.41 32.10
CA ASP C 80 -26.11 -14.46 33.48
C ASP C 80 -24.72 -15.06 33.71
N TYR C 81 -23.76 -14.58 32.93
CA TYR C 81 -22.39 -15.05 33.06
C TYR C 81 -21.75 -14.47 34.31
N ARG C 82 -20.95 -15.28 34.98
CA ARG C 82 -20.25 -14.88 36.19
C ARG C 82 -19.27 -16.00 36.52
N PRO C 83 -18.35 -15.77 37.46
CA PRO C 83 -17.38 -16.81 37.81
C PRO C 83 -18.02 -18.11 38.30
N GLY C 84 -18.97 -17.98 39.24
CA GLY C 84 -19.64 -19.15 39.79
C GLY C 84 -20.62 -19.88 38.89
N THR C 85 -20.84 -19.38 37.68
CA THR C 85 -21.78 -20.04 36.76
C THR C 85 -21.40 -21.51 36.59
N HIS C 86 -22.40 -22.38 36.60
CA HIS C 86 -22.17 -23.82 36.49
C HIS C 86 -22.07 -24.27 35.04
N ARG C 87 -22.63 -23.50 34.13
CA ARG C 87 -22.62 -23.85 32.74
C ARG C 87 -22.84 -22.59 31.91
N ALA C 88 -22.17 -22.49 30.77
CA ALA C 88 -22.33 -21.32 29.92
C ALA C 88 -23.73 -21.32 29.31
N GLN C 89 -24.49 -20.26 29.58
CA GLN C 89 -25.84 -20.11 29.05
C GLN C 89 -25.80 -19.28 27.77
N VAL C 90 -25.86 -19.95 26.64
CA VAL C 90 -25.82 -19.24 25.37
C VAL C 90 -27.23 -19.28 24.77
N ALA C 91 -27.69 -18.13 24.33
CA ALA C 91 -29.02 -18.02 23.73
C ALA C 91 -28.83 -17.34 22.39
N ARG C 92 -29.55 -17.78 21.38
CA ARG C 92 -29.42 -17.18 20.07
C ARG C 92 -30.41 -16.04 19.88
N VAL C 93 -29.97 -15.00 19.20
CA VAL C 93 -30.81 -13.85 18.95
C VAL C 93 -32.14 -14.29 18.34
N LYS C 94 -32.06 -15.18 17.35
CA LYS C 94 -33.23 -15.71 16.66
C LYS C 94 -34.29 -16.15 17.67
N ASP C 95 -33.86 -16.79 18.75
CA ASP C 95 -34.79 -17.23 19.77
C ASP C 95 -35.23 -16.08 20.65
N LEU C 96 -34.33 -15.17 20.94
CA LEU C 96 -34.65 -14.02 21.78
C LEU C 96 -35.67 -13.12 21.08
N LEU C 97 -35.61 -13.08 19.76
CA LEU C 97 -36.54 -12.26 19.01
C LEU C 97 -37.93 -12.89 18.99
N GLU C 98 -38.01 -14.19 19.24
CA GLU C 98 -39.29 -14.88 19.25
C GLU C 98 -39.98 -14.67 20.59
N GLU C 99 -39.22 -14.79 21.67
CA GLU C 99 -39.79 -14.60 23.00
C GLU C 99 -40.35 -13.20 23.17
N VAL C 100 -39.55 -12.20 22.84
CA VAL C 100 -39.97 -10.81 22.97
C VAL C 100 -41.28 -10.52 22.27
N ARG C 101 -41.52 -11.17 21.14
CA ARG C 101 -42.75 -10.97 20.38
C ARG C 101 -43.91 -11.76 21.00
N LEU D 5 7.41 -5.68 29.95
CA LEU D 5 7.01 -6.65 28.90
C LEU D 5 8.22 -7.34 28.30
N SER D 6 9.36 -7.17 28.96
CA SER D 6 10.62 -7.74 28.50
C SER D 6 10.70 -9.24 28.73
N GLY D 7 9.96 -9.71 29.73
CA GLY D 7 9.97 -11.13 30.03
C GLY D 7 8.97 -11.95 29.26
N THR D 8 8.69 -13.14 29.79
CA THR D 8 7.75 -14.08 29.19
C THR D 8 6.29 -13.64 29.28
N TRP D 9 5.67 -13.43 28.15
CA TRP D 9 4.25 -13.03 28.12
C TRP D 9 3.38 -14.26 28.38
N TYR D 10 2.26 -14.05 29.07
CA TYR D 10 1.31 -15.13 29.35
C TYR D 10 -0.03 -14.73 28.76
N VAL D 11 -0.53 -15.58 27.87
CA VAL D 11 -1.78 -15.31 27.18
C VAL D 11 -2.78 -16.46 27.22
N LEU D 12 -4.02 -16.17 26.82
CA LEU D 12 -5.07 -17.19 26.79
C LEU D 12 -5.18 -17.81 25.41
N GLU D 13 -5.25 -19.14 25.37
CA GLU D 13 -5.36 -19.88 24.13
C GLU D 13 -6.50 -20.89 24.20
N GLY D 14 -7.17 -21.11 23.08
CA GLY D 14 -8.25 -22.07 23.02
C GLY D 14 -7.99 -22.86 21.76
N ASP D 15 -8.80 -22.67 20.72
CA ASP D 15 -8.55 -23.35 19.47
C ASP D 15 -7.39 -22.58 18.88
N PRO D 16 -6.58 -23.22 18.02
CA PRO D 16 -5.44 -22.51 17.44
C PRO D 16 -5.93 -21.28 16.68
N GLY D 17 -5.30 -20.13 16.92
CA GLY D 17 -5.73 -18.93 16.22
C GLY D 17 -6.91 -18.27 16.86
N GLU D 18 -7.31 -18.76 18.03
CA GLU D 18 -8.42 -18.18 18.74
C GLU D 18 -7.90 -17.26 19.85
N HIS D 19 -8.48 -16.08 19.91
CA HIS D 19 -8.08 -15.11 20.92
C HIS D 19 -9.32 -14.53 21.57
N LEU D 20 -9.28 -14.32 22.87
CA LEU D 20 -10.41 -13.71 23.57
C LEU D 20 -10.32 -12.24 23.21
N VAL D 21 -11.23 -11.78 22.35
CA VAL D 21 -11.22 -10.40 21.92
C VAL D 21 -12.47 -9.69 22.42
N VAL D 22 -12.29 -8.46 22.87
CA VAL D 22 -13.38 -7.65 23.37
C VAL D 22 -13.45 -6.40 22.52
N GLU D 23 -14.66 -5.95 22.24
CA GLU D 23 -14.81 -4.73 21.49
C GLU D 23 -15.30 -3.66 22.44
N ALA D 24 -14.45 -2.65 22.64
CA ALA D 24 -14.76 -1.54 23.54
C ALA D 24 -13.73 -0.46 23.30
N LEU D 25 -14.05 0.76 23.74
CA LEU D 25 -13.14 1.89 23.59
C LEU D 25 -12.89 2.18 22.11
N GLY D 26 -13.86 1.82 21.27
CA GLY D 26 -13.74 2.03 19.83
C GLY D 26 -12.69 1.15 19.18
N GLU D 27 -12.21 0.15 19.94
CA GLU D 27 -11.18 -0.75 19.46
C GLU D 27 -11.44 -2.23 19.76
N ARG D 28 -10.69 -3.10 19.09
CA ARG D 28 -10.79 -4.52 19.33
C ARG D 28 -9.62 -4.76 20.26
N LEU D 29 -9.91 -5.27 21.45
CA LEU D 29 -8.86 -5.47 22.44
C LEU D 29 -8.73 -6.91 22.89
N SER D 30 -7.51 -7.27 23.26
CA SER D 30 -7.25 -8.59 23.78
C SER D 30 -6.36 -8.37 24.99
N GLY D 31 -5.62 -9.38 25.43
CA GLY D 31 -4.78 -9.15 26.59
C GLY D 31 -3.65 -10.12 26.83
N ILE D 32 -2.60 -9.62 27.49
CA ILE D 32 -1.46 -10.45 27.84
C ILE D 32 -1.13 -10.15 29.30
N TRP D 33 -0.52 -11.10 29.97
CA TRP D 33 -0.17 -10.93 31.36
C TRP D 33 1.34 -11.12 31.48
N THR D 34 1.92 -10.54 32.53
CA THR D 34 3.36 -10.63 32.74
C THR D 34 3.77 -11.76 33.67
N SER D 35 2.78 -12.49 34.18
CA SER D 35 3.06 -13.62 35.06
C SER D 35 1.97 -14.65 34.86
N ARG D 36 2.33 -15.92 35.07
CA ARG D 36 1.41 -17.02 34.92
C ARG D 36 0.24 -16.94 35.88
N GLU D 37 0.52 -16.65 37.16
CA GLU D 37 -0.52 -16.56 38.16
C GLU D 37 -1.55 -15.46 37.87
N LEU D 38 -1.11 -14.34 37.33
CA LEU D 38 -2.05 -13.27 37.01
C LEU D 38 -3.03 -13.76 35.92
N ALA D 39 -2.49 -14.29 34.83
CA ALA D 39 -3.33 -14.80 33.74
C ALA D 39 -4.23 -15.92 34.26
N GLU D 40 -3.68 -16.77 35.12
CA GLU D 40 -4.41 -17.89 35.70
C GLU D 40 -5.52 -17.36 36.60
N ALA D 41 -5.29 -16.20 37.22
CA ALA D 41 -6.30 -15.62 38.10
C ALA D 41 -7.43 -15.10 37.23
N PHE D 42 -7.07 -14.42 36.14
CA PHE D 42 -8.07 -13.89 35.21
C PHE D 42 -8.83 -15.08 34.63
N LEU D 43 -8.11 -16.13 34.27
CA LEU D 43 -8.72 -17.32 33.68
C LEU D 43 -9.74 -17.94 34.63
N ALA D 44 -9.37 -18.04 35.91
CA ALA D 44 -10.26 -18.62 36.90
C ALA D 44 -11.59 -17.88 36.96
N HIS D 45 -11.58 -16.59 36.63
CA HIS D 45 -12.81 -15.79 36.66
C HIS D 45 -13.60 -15.82 35.37
N HIS D 46 -13.09 -16.52 34.36
CA HIS D 46 -13.79 -16.62 33.09
C HIS D 46 -13.96 -18.07 32.66
N PRO D 47 -14.80 -18.82 33.41
CA PRO D 47 -15.09 -20.24 33.16
C PRO D 47 -15.87 -20.47 31.86
N HIS D 48 -15.81 -21.71 31.39
CA HIS D 48 -16.54 -22.17 30.22
C HIS D 48 -16.20 -21.57 28.87
N LEU D 49 -14.98 -21.08 28.69
CA LEU D 49 -14.57 -20.53 27.40
C LEU D 49 -13.48 -21.44 26.80
N GLY D 50 -13.18 -22.52 27.49
CA GLY D 50 -12.18 -23.48 27.05
C GLY D 50 -10.78 -22.92 26.86
N ARG D 52 -6.95 -21.57 28.15
CA ARG D 52 -5.92 -22.09 29.05
C ARG D 52 -4.80 -21.05 28.98
N VAL D 53 -3.96 -21.00 30.00
CA VAL D 53 -2.87 -20.04 30.00
C VAL D 53 -1.60 -20.64 29.42
N SER D 54 -0.98 -19.95 28.47
CA SER D 54 0.24 -20.45 27.88
C SER D 54 1.27 -19.33 27.79
N ALA D 55 2.54 -19.70 27.85
CA ALA D 55 3.62 -18.74 27.84
C ALA D 55 4.30 -18.56 26.51
N LEU D 56 4.64 -17.31 26.20
CA LEU D 56 5.34 -16.97 24.97
C LEU D 56 6.70 -16.51 25.49
N GLU D 57 7.67 -17.41 25.49
CA GLU D 57 9.01 -17.08 26.00
C GLU D 57 9.95 -16.42 25.01
N SER D 58 9.85 -16.80 23.74
CA SER D 58 10.73 -16.28 22.70
C SER D 58 10.14 -15.13 21.89
N ARG D 59 11.00 -14.50 21.11
CA ARG D 59 10.58 -13.39 20.25
C ARG D 59 9.76 -13.98 19.12
N ALA D 60 10.09 -15.21 18.74
CA ALA D 60 9.41 -15.88 17.65
C ALA D 60 7.96 -16.21 18.05
N LEU D 61 7.78 -16.67 19.28
CA LEU D 61 6.45 -16.99 19.78
C LEU D 61 5.63 -15.72 19.97
N LYS D 62 6.26 -14.70 20.55
CA LYS D 62 5.57 -13.43 20.79
C LYS D 62 5.13 -12.82 19.49
N GLU D 63 6.02 -12.80 18.50
CA GLU D 63 5.70 -12.21 17.21
C GLU D 63 4.59 -12.97 16.48
N ALA D 64 4.64 -14.30 16.52
CA ALA D 64 3.60 -15.10 15.87
C ALA D 64 2.26 -14.75 16.51
N TYR D 65 2.29 -14.55 17.83
CA TYR D 65 1.09 -14.17 18.59
C TYR D 65 0.54 -12.81 18.11
N LEU D 66 1.43 -11.84 17.93
CA LEU D 66 1.07 -10.50 17.50
C LEU D 66 0.58 -10.43 16.05
N ARG D 67 1.12 -11.30 15.21
CA ARG D 67 0.73 -11.35 13.82
C ARG D 67 -0.68 -11.88 13.68
N ALA D 68 -1.07 -12.80 14.56
CA ALA D 68 -2.42 -13.37 14.54
C ALA D 68 -3.39 -12.28 14.98
N LEU D 69 -3.03 -11.56 16.04
CA LEU D 69 -3.88 -10.45 16.51
C LEU D 69 -4.05 -9.46 15.36
N GLY D 70 -2.95 -9.18 14.66
CA GLY D 70 -2.99 -8.25 13.55
C GLY D 70 -3.97 -8.68 12.48
N LEU D 72 -6.49 -10.50 12.97
CA LEU D 72 -7.81 -10.47 13.58
C LEU D 72 -8.28 -9.05 13.91
N GLN D 73 -7.57 -8.06 13.35
CA GLN D 73 -7.90 -6.64 13.52
C GLN D 73 -7.91 -6.18 14.96
N VAL D 74 -7.03 -6.76 15.77
CA VAL D 74 -6.94 -6.38 17.16
C VAL D 74 -5.79 -5.38 17.25
N GLU D 75 -6.11 -4.13 17.59
CA GLU D 75 -5.10 -3.08 17.67
C GLU D 75 -4.39 -2.87 18.99
N ALA D 76 -5.03 -3.26 20.08
CA ALA D 76 -4.42 -3.09 21.39
C ALA D 76 -4.68 -4.25 22.34
N VAL D 77 -3.82 -4.36 23.34
CA VAL D 77 -3.93 -5.41 24.33
C VAL D 77 -3.87 -4.79 25.72
N VAL D 79 -2.84 -5.02 29.60
CA VAL D 79 -1.71 -5.69 30.21
C VAL D 79 -2.02 -5.96 31.67
N ASP D 80 -1.91 -7.22 32.07
CA ASP D 80 -2.19 -7.60 33.44
C ASP D 80 -3.55 -7.08 33.89
N TYR D 81 -4.55 -7.27 33.03
CA TYR D 81 -5.91 -6.85 33.31
C TYR D 81 -6.42 -7.54 34.58
N ARG D 82 -6.85 -6.73 35.56
CA ARG D 82 -7.37 -7.21 36.84
C ARG D 82 -8.72 -6.54 37.14
N PRO D 83 -9.60 -7.25 37.88
CA PRO D 83 -10.93 -6.75 38.24
C PRO D 83 -10.92 -5.48 39.09
N GLY D 84 -9.78 -5.17 39.68
CA GLY D 84 -9.71 -3.98 40.52
C GLY D 84 -8.31 -3.41 40.67
N THR D 85 -8.06 -2.30 39.99
CA THR D 85 -6.76 -1.63 40.05
C THR D 85 -6.90 -0.17 39.64
N HIS D 86 -5.76 0.45 39.32
CA HIS D 86 -5.71 1.84 38.92
C HIS D 86 -6.52 1.98 37.63
N ARG D 87 -5.79 2.01 36.53
CA ARG D 87 -6.36 2.10 35.20
C ARG D 87 -5.70 1.03 34.36
N ALA D 88 -6.35 0.66 33.26
CA ALA D 88 -5.80 -0.37 32.40
C ALA D 88 -4.53 0.12 31.71
N GLN D 89 -3.62 -0.80 31.45
CA GLN D 89 -2.40 -0.46 30.75
C GLN D 89 -2.59 -1.01 29.35
N VAL D 90 -2.80 -0.11 28.40
CA VAL D 90 -3.03 -0.50 27.03
C VAL D 90 -1.77 -0.35 26.19
N ALA D 91 -1.44 -1.39 25.44
CA ALA D 91 -0.27 -1.37 24.57
C ALA D 91 -0.74 -1.64 23.15
N ARG D 92 -0.30 -0.82 22.21
CA ARG D 92 -0.67 -1.01 20.82
C ARG D 92 0.05 -2.24 20.31
N VAL D 93 -0.66 -3.10 19.60
CA VAL D 93 -0.07 -4.31 19.04
C VAL D 93 1.08 -3.90 18.13
N LYS D 94 0.89 -2.80 17.41
CA LYS D 94 1.91 -2.29 16.51
C LYS D 94 3.22 -1.98 17.25
N ASP D 95 3.12 -1.29 18.38
CA ASP D 95 4.30 -0.95 19.15
C ASP D 95 4.96 -2.18 19.77
N LEU D 96 4.14 -3.17 20.14
CA LEU D 96 4.68 -4.40 20.73
C LEU D 96 5.42 -5.20 19.68
N LEU D 97 4.82 -5.36 18.51
CA LEU D 97 5.42 -6.12 17.42
C LEU D 97 6.78 -5.49 17.12
N GLU D 98 6.89 -4.20 17.44
CA GLU D 98 8.12 -3.43 17.23
C GLU D 98 9.19 -3.87 18.22
N GLU D 99 8.85 -3.86 19.51
CA GLU D 99 9.80 -4.25 20.55
C GLU D 99 10.28 -5.67 20.34
N VAL D 100 9.45 -6.51 19.73
CA VAL D 100 9.82 -7.91 19.50
C VAL D 100 10.69 -8.11 18.26
N ARG D 101 10.25 -7.59 17.12
CA ARG D 101 11.00 -7.73 15.87
C ARG D 101 12.36 -7.04 15.88
N ASP E 4 -41.25 24.67 23.14
CA ASP E 4 -40.50 23.88 22.11
C ASP E 4 -40.45 22.40 22.51
N LEU E 5 -39.25 21.92 22.82
CA LEU E 5 -39.08 20.52 23.20
C LEU E 5 -39.49 20.17 24.64
N SER E 6 -40.01 21.17 25.34
CA SER E 6 -40.42 20.99 26.74
C SER E 6 -41.66 20.11 26.89
N GLY E 7 -42.62 20.30 26.01
CA GLY E 7 -43.86 19.54 26.08
C GLY E 7 -43.79 18.12 25.58
N THR E 8 -44.97 17.57 25.29
CA THR E 8 -45.09 16.21 24.80
C THR E 8 -44.45 16.02 23.43
N TRP E 9 -43.85 14.85 23.23
CA TRP E 9 -43.23 14.54 21.94
C TRP E 9 -44.18 13.65 21.18
N TYR E 10 -44.15 13.78 19.86
CA TYR E 10 -44.99 12.98 19.00
C TYR E 10 -44.04 12.27 18.05
N VAL E 11 -43.99 10.95 18.14
CA VAL E 11 -43.10 10.16 17.31
C VAL E 11 -43.83 9.09 16.52
N LEU E 12 -43.07 8.36 15.70
CA LEU E 12 -43.63 7.30 14.89
C LEU E 12 -43.26 5.93 15.44
N GLU E 13 -44.11 4.95 15.18
CA GLU E 13 -43.83 3.60 15.64
C GLU E 13 -44.60 2.54 14.86
N GLY E 14 -43.87 1.52 14.43
CA GLY E 14 -44.45 0.39 13.73
C GLY E 14 -44.24 -0.75 14.70
N ASP E 15 -43.27 -1.62 14.42
CA ASP E 15 -42.97 -2.70 15.36
C ASP E 15 -42.44 -1.97 16.60
N PRO E 16 -42.47 -2.63 17.78
CA PRO E 16 -41.96 -1.98 18.98
C PRO E 16 -40.49 -1.64 18.78
N GLY E 17 -40.13 -0.39 19.02
CA GLY E 17 -38.75 0.01 18.83
C GLY E 17 -38.42 0.45 17.42
N GLU E 18 -39.38 0.28 16.51
CA GLU E 18 -39.20 0.69 15.11
C GLU E 18 -39.84 2.08 14.94
N HIS E 19 -39.02 3.13 14.90
CA HIS E 19 -39.54 4.49 14.82
C HIS E 19 -39.30 5.23 13.51
N LEU E 20 -39.17 4.45 12.42
CA LEU E 20 -38.93 5.00 11.10
C LEU E 20 -37.60 5.73 11.04
N VAL E 21 -36.55 4.99 10.71
CA VAL E 21 -35.23 5.57 10.59
C VAL E 21 -34.96 5.75 9.11
N VAL E 22 -34.55 6.95 8.75
CA VAL E 22 -34.22 7.26 7.38
C VAL E 22 -32.70 7.34 7.35
N GLU E 23 -32.10 6.64 6.39
CA GLU E 23 -30.66 6.60 6.29
C GLU E 23 -30.26 7.14 4.93
N ALA E 24 -29.91 8.42 4.90
CA ALA E 24 -29.48 9.10 3.69
C ALA E 24 -28.07 9.56 3.99
N LEU E 25 -27.13 9.24 3.09
CA LEU E 25 -25.73 9.61 3.33
C LEU E 25 -25.25 8.68 4.44
N GLY E 26 -24.17 9.06 5.11
CA GLY E 26 -23.67 8.25 6.20
C GLY E 26 -24.31 8.76 7.47
N GLU E 27 -25.61 9.03 7.42
CA GLU E 27 -26.32 9.58 8.57
C GLU E 27 -27.73 9.00 8.78
N ARG E 28 -27.92 8.37 9.93
CA ARG E 28 -29.21 7.78 10.28
C ARG E 28 -30.00 8.76 11.13
N LEU E 29 -31.21 9.08 10.68
CA LEU E 29 -32.04 10.04 11.40
C LEU E 29 -33.45 9.53 11.63
N SER E 30 -34.06 10.01 12.71
CA SER E 30 -35.44 9.66 13.00
C SER E 30 -36.12 11.00 13.22
N GLY E 31 -37.41 10.99 13.52
CA GLY E 31 -38.06 12.28 13.70
C GLY E 31 -39.01 12.37 14.86
N ILE E 32 -39.03 13.53 15.49
CA ILE E 32 -39.93 13.76 16.60
C ILE E 32 -40.71 15.03 16.26
N TRP E 33 -41.94 15.12 16.74
CA TRP E 33 -42.78 16.29 16.47
C TRP E 33 -43.27 16.87 17.79
N THR E 34 -43.56 18.17 17.79
CA THR E 34 -44.03 18.83 18.98
C THR E 34 -45.53 19.04 19.02
N SER E 35 -46.22 18.53 18.00
CA SER E 35 -47.67 18.63 17.96
C SER E 35 -48.19 17.37 17.29
N ARG E 36 -49.36 16.91 17.69
CA ARG E 36 -49.94 15.74 17.09
C ARG E 36 -50.29 16.03 15.63
N GLU E 37 -50.80 17.22 15.33
CA GLU E 37 -51.16 17.54 13.95
C GLU E 37 -50.00 17.49 12.95
N LEU E 38 -48.84 18.00 13.34
CA LEU E 38 -47.69 17.96 12.43
C LEU E 38 -47.27 16.52 12.14
N ALA E 39 -47.20 15.70 13.19
CA ALA E 39 -46.84 14.30 13.02
C ALA E 39 -47.91 13.60 12.18
N GLU E 40 -49.17 13.96 12.40
CA GLU E 40 -50.28 13.36 11.64
C GLU E 40 -50.23 13.80 10.18
N ALA E 41 -49.82 15.04 9.95
CA ALA E 41 -49.72 15.55 8.59
C ALA E 41 -48.63 14.77 7.88
N PHE E 42 -47.52 14.53 8.58
CA PHE E 42 -46.42 13.79 7.99
C PHE E 42 -46.87 12.37 7.65
N LEU E 43 -47.53 11.72 8.59
CA LEU E 43 -48.00 10.35 8.40
C LEU E 43 -49.02 10.27 7.25
N ALA E 44 -49.85 11.29 7.12
CA ALA E 44 -50.86 11.30 6.06
C ALA E 44 -50.19 11.30 4.69
N HIS E 45 -48.96 11.76 4.62
CA HIS E 45 -48.26 11.79 3.36
C HIS E 45 -47.20 10.71 3.24
N HIS E 46 -47.21 9.78 4.19
CA HIS E 46 -46.27 8.67 4.20
C HIS E 46 -46.92 7.38 4.69
N PRO E 47 -47.95 6.91 3.99
CA PRO E 47 -48.65 5.67 4.36
C PRO E 47 -47.89 4.42 3.90
N HIS E 48 -48.44 3.26 4.25
CA HIS E 48 -47.87 1.97 3.86
C HIS E 48 -46.55 1.58 4.51
N LEU E 49 -46.23 2.20 5.63
CA LEU E 49 -44.99 1.88 6.32
C LEU E 49 -45.32 1.28 7.68
N GLY E 50 -46.61 1.06 7.92
CA GLY E 50 -47.09 0.47 9.17
C GLY E 50 -46.85 1.33 10.39
N ARG E 52 -47.63 4.66 13.07
CA ARG E 52 -48.76 5.34 13.74
C ARG E 52 -48.13 6.39 14.64
N VAL E 53 -48.87 7.47 14.92
CA VAL E 53 -48.33 8.51 15.79
C VAL E 53 -48.48 8.07 17.24
N SER E 54 -47.45 8.34 18.04
CA SER E 54 -47.41 7.97 19.45
C SER E 54 -46.95 9.14 20.33
N ALA E 55 -47.72 9.43 21.36
CA ALA E 55 -47.42 10.53 22.27
C ALA E 55 -46.53 10.11 23.43
N LEU E 56 -45.48 10.88 23.69
CA LEU E 56 -44.55 10.60 24.78
C LEU E 56 -44.52 11.82 25.70
N GLU E 57 -45.40 11.83 26.70
CA GLU E 57 -45.48 12.97 27.62
C GLU E 57 -44.52 12.95 28.80
N SER E 58 -44.18 11.78 29.31
CA SER E 58 -43.25 11.69 30.43
C SER E 58 -41.80 11.71 30.00
N ARG E 59 -40.91 12.04 30.93
CA ARG E 59 -39.48 12.10 30.67
C ARG E 59 -38.99 10.66 30.51
N ALA E 60 -39.61 9.76 31.24
CA ALA E 60 -39.26 8.35 31.18
C ALA E 60 -39.48 7.87 29.75
N LEU E 61 -40.68 8.13 29.22
CA LEU E 61 -41.01 7.72 27.87
C LEU E 61 -40.07 8.36 26.84
N LYS E 62 -39.89 9.67 26.93
CA LYS E 62 -38.99 10.37 26.02
C LYS E 62 -37.60 9.73 26.10
N GLU E 63 -37.16 9.44 27.32
CA GLU E 63 -35.86 8.82 27.53
C GLU E 63 -35.79 7.42 26.92
N ALA E 64 -36.81 6.60 27.17
CA ALA E 64 -36.82 5.25 26.63
C ALA E 64 -36.74 5.31 25.11
N TYR E 65 -37.41 6.30 24.55
CA TYR E 65 -37.42 6.50 23.10
C TYR E 65 -36.00 6.79 22.63
N LEU E 66 -35.34 7.75 23.27
CA LEU E 66 -33.98 8.12 22.90
C LEU E 66 -32.98 6.97 23.05
N ARG E 67 -33.14 6.16 24.11
CA ARG E 67 -32.24 5.05 24.34
C ARG E 67 -32.41 3.97 23.27
N ALA E 68 -33.62 3.88 22.72
CA ALA E 68 -33.88 2.90 21.67
C ALA E 68 -33.16 3.38 20.42
N LEU E 69 -33.18 4.70 20.21
CA LEU E 69 -32.52 5.30 19.06
C LEU E 69 -31.00 5.08 19.16
N GLY E 70 -30.45 5.34 20.35
CA GLY E 70 -29.02 5.16 20.54
C GLY E 70 -28.55 3.75 20.23
N LEU E 72 -29.85 1.75 18.18
CA LEU E 72 -30.03 1.53 16.75
C LEU E 72 -29.13 2.49 15.95
N GLN E 73 -28.14 3.05 16.62
CA GLN E 73 -27.19 3.95 15.96
C GLN E 73 -27.77 5.20 15.30
N VAL E 74 -28.86 5.70 15.86
CA VAL E 74 -29.48 6.92 15.35
C VAL E 74 -28.90 7.99 16.24
N GLU E 75 -28.09 8.88 15.67
CA GLU E 75 -27.45 9.92 16.47
C GLU E 75 -28.12 11.27 16.46
N ALA E 76 -29.07 11.46 15.55
CA ALA E 76 -29.78 12.73 15.46
C ALA E 76 -31.20 12.49 15.00
N VAL E 77 -32.04 13.48 15.22
CA VAL E 77 -33.43 13.39 14.82
C VAL E 77 -33.87 14.71 14.23
N VAL E 79 -36.49 17.60 14.01
CA VAL E 79 -37.52 18.15 14.89
C VAL E 79 -38.58 18.84 14.05
N ASP E 80 -39.83 18.43 14.23
CA ASP E 80 -40.93 19.00 13.48
C ASP E 80 -40.66 19.10 11.98
N TYR E 81 -40.44 17.95 11.34
CA TYR E 81 -40.22 17.94 9.90
C TYR E 81 -41.55 18.25 9.20
N ARG E 82 -41.55 19.24 8.30
CA ARG E 82 -42.76 19.63 7.57
C ARG E 82 -42.78 18.90 6.23
N PRO E 83 -43.83 18.10 5.97
CA PRO E 83 -43.90 17.37 4.70
C PRO E 83 -43.63 18.26 3.46
N GLY E 84 -42.57 17.93 2.73
CA GLY E 84 -42.22 18.68 1.54
C GLY E 84 -41.30 19.86 1.78
N THR E 85 -40.75 19.98 2.97
CA THR E 85 -39.86 21.09 3.30
C THR E 85 -38.41 20.82 2.88
N HIS E 86 -37.69 21.88 2.53
CA HIS E 86 -36.30 21.74 2.09
C HIS E 86 -35.32 21.55 3.24
N ARG E 87 -35.66 22.11 4.39
CA ARG E 87 -34.77 22.06 5.54
C ARG E 87 -35.51 22.05 6.87
N ALA E 88 -35.20 21.06 7.70
CA ALA E 88 -35.81 20.93 9.01
C ALA E 88 -34.69 20.94 10.05
N GLN E 89 -35.05 21.21 11.30
CA GLN E 89 -34.08 21.27 12.38
C GLN E 89 -33.60 19.87 12.75
N VAL E 90 -32.31 19.74 13.06
CA VAL E 90 -31.74 18.46 13.47
C VAL E 90 -31.22 18.58 14.89
N ALA E 91 -31.63 17.65 15.73
CA ALA E 91 -31.19 17.67 17.12
C ALA E 91 -30.41 16.42 17.45
N ARG E 92 -29.20 16.60 17.93
CA ARG E 92 -28.38 15.46 18.31
C ARG E 92 -29.10 14.69 19.41
N VAL E 93 -29.09 13.37 19.31
CA VAL E 93 -29.75 12.56 20.33
C VAL E 93 -29.18 12.76 21.74
N LYS E 94 -27.88 13.01 21.86
CA LYS E 94 -27.30 13.22 23.19
C LYS E 94 -27.74 14.54 23.78
N ASP E 95 -27.84 15.58 22.95
CA ASP E 95 -28.28 16.90 23.41
C ASP E 95 -29.70 16.79 23.95
N LEU E 96 -30.54 16.05 23.23
CA LEU E 96 -31.93 15.86 23.63
C LEU E 96 -32.01 15.04 24.89
N LEU E 97 -31.17 14.02 25.00
CA LEU E 97 -31.19 13.18 26.19
C LEU E 97 -30.62 13.95 27.37
N GLU E 98 -30.11 15.13 27.09
CA GLU E 98 -29.54 16.00 28.11
C GLU E 98 -30.66 16.86 28.70
N GLU E 99 -31.51 17.39 27.82
CA GLU E 99 -32.64 18.22 28.25
C GLU E 99 -33.42 17.41 29.27
N VAL E 100 -34.03 16.34 28.78
CA VAL E 100 -34.82 15.44 29.60
C VAL E 100 -34.04 15.02 30.84
N ARG E 101 -33.21 13.99 30.68
CA ARG E 101 -32.39 13.48 31.76
C ARG E 101 -31.41 14.55 32.24
N LEU F 5 -40.83 -3.75 -14.18
CA LEU F 5 -39.62 -4.33 -13.52
C LEU F 5 -38.60 -4.77 -14.57
N SER F 6 -39.07 -4.96 -15.80
CA SER F 6 -38.22 -5.38 -16.89
C SER F 6 -37.67 -4.17 -17.65
N GLY F 7 -38.16 -2.98 -17.29
CA GLY F 7 -37.69 -1.77 -17.94
C GLY F 7 -36.57 -1.13 -17.16
N THR F 8 -36.25 0.11 -17.49
CA THR F 8 -35.21 0.83 -16.78
C THR F 8 -35.65 1.05 -15.34
N TRP F 9 -34.73 0.97 -14.39
CA TRP F 9 -35.06 1.20 -12.99
C TRP F 9 -34.52 2.57 -12.61
N TYR F 10 -35.30 3.37 -11.90
CA TYR F 10 -34.86 4.70 -11.49
C TYR F 10 -34.73 4.71 -9.98
N VAL F 11 -33.54 5.04 -9.50
CA VAL F 11 -33.25 5.04 -8.08
C VAL F 11 -32.72 6.38 -7.57
N LEU F 12 -32.73 6.54 -6.25
CA LEU F 12 -32.25 7.76 -5.62
C LEU F 12 -30.79 7.62 -5.24
N GLU F 13 -29.99 8.57 -5.67
CA GLU F 13 -28.57 8.52 -5.37
C GLU F 13 -28.07 9.86 -4.90
N GLY F 14 -27.15 9.83 -3.94
CA GLY F 14 -26.56 11.06 -3.45
C GLY F 14 -25.25 11.17 -4.20
N ASP F 15 -24.15 10.90 -3.50
CA ASP F 15 -22.84 10.93 -4.11
C ASP F 15 -22.67 9.57 -4.82
N PRO F 16 -21.63 9.42 -5.65
CA PRO F 16 -21.38 8.18 -6.38
C PRO F 16 -22.14 6.94 -5.94
N GLY F 17 -21.93 6.46 -4.73
CA GLY F 17 -22.64 5.27 -4.30
C GLY F 17 -23.46 5.38 -3.04
N GLU F 18 -24.01 6.56 -2.77
CA GLU F 18 -24.82 6.76 -1.57
C GLU F 18 -26.30 6.53 -1.91
N HIS F 19 -26.98 5.79 -1.06
CA HIS F 19 -28.38 5.48 -1.31
C HIS F 19 -29.33 5.88 -0.20
N LEU F 20 -30.62 5.78 -0.49
CA LEU F 20 -31.62 6.11 0.51
C LEU F 20 -32.13 4.81 1.07
N VAL F 21 -32.00 4.64 2.38
CA VAL F 21 -32.48 3.45 3.04
C VAL F 21 -33.43 3.88 4.14
N VAL F 22 -34.59 3.24 4.19
CA VAL F 22 -35.59 3.54 5.19
C VAL F 22 -35.90 2.27 5.95
N GLU F 23 -36.00 2.35 7.27
CA GLU F 23 -36.30 1.16 8.03
C GLU F 23 -37.77 1.17 8.46
N ALA F 24 -38.56 0.33 7.82
CA ALA F 24 -39.99 0.22 8.10
C ALA F 24 -40.40 -1.19 7.69
N LEU F 25 -41.58 -1.61 8.11
CA LEU F 25 -42.06 -2.95 7.79
C LEU F 25 -41.07 -3.99 8.29
N GLY F 26 -40.48 -3.69 9.45
CA GLY F 26 -39.51 -4.58 10.08
C GLY F 26 -38.31 -4.93 9.21
N GLU F 27 -38.02 -4.10 8.21
CA GLU F 27 -36.93 -4.38 7.29
C GLU F 27 -36.16 -3.13 6.93
N ARG F 28 -35.02 -3.33 6.29
CA ARG F 28 -34.22 -2.22 5.79
C ARG F 28 -34.64 -2.18 4.35
N LEU F 29 -35.31 -1.10 3.95
CA LEU F 29 -35.82 -0.96 2.60
C LEU F 29 -35.17 0.12 1.76
N SER F 30 -35.26 -0.05 0.44
CA SER F 30 -34.77 0.96 -0.48
C SER F 30 -35.92 1.15 -1.45
N GLY F 31 -35.70 1.94 -2.49
CA GLY F 31 -36.79 2.17 -3.41
C GLY F 31 -36.39 2.24 -4.86
N ILE F 32 -37.26 1.70 -5.71
CA ILE F 32 -37.05 1.72 -7.14
C ILE F 32 -38.33 2.28 -7.78
N TRP F 33 -38.18 3.11 -8.80
CA TRP F 33 -39.33 3.67 -9.50
C TRP F 33 -39.31 3.26 -10.96
N THR F 34 -40.52 3.20 -11.51
CA THR F 34 -40.81 2.80 -12.88
C THR F 34 -40.54 3.86 -13.93
N SER F 35 -40.51 5.12 -13.51
CA SER F 35 -40.25 6.19 -14.46
C SER F 35 -39.42 7.24 -13.76
N ARG F 36 -38.63 7.96 -14.54
CA ARG F 36 -37.79 9.01 -13.99
C ARG F 36 -38.66 10.10 -13.35
N GLU F 37 -39.82 10.36 -13.93
CA GLU F 37 -40.69 11.40 -13.38
C GLU F 37 -41.35 11.00 -12.04
N LEU F 38 -41.65 9.72 -11.89
CA LEU F 38 -42.23 9.23 -10.64
C LEU F 38 -41.17 9.34 -9.53
N ALA F 39 -39.90 9.08 -9.87
CA ALA F 39 -38.86 9.18 -8.86
C ALA F 39 -38.59 10.64 -8.53
N GLU F 40 -38.61 11.51 -9.54
CA GLU F 40 -38.37 12.94 -9.32
C GLU F 40 -39.50 13.56 -8.51
N ALA F 41 -40.71 13.01 -8.66
CA ALA F 41 -41.85 13.52 -7.90
C ALA F 41 -41.58 13.25 -6.41
N PHE F 42 -41.03 12.07 -6.13
CA PHE F 42 -40.70 11.72 -4.75
C PHE F 42 -39.64 12.67 -4.22
N LEU F 43 -38.58 12.93 -4.98
CA LEU F 43 -37.54 13.84 -4.50
C LEU F 43 -38.08 15.25 -4.37
N ALA F 44 -38.97 15.64 -5.28
CA ALA F 44 -39.57 16.97 -5.25
C ALA F 44 -40.31 17.13 -3.92
N HIS F 45 -41.02 16.07 -3.50
CA HIS F 45 -41.75 16.09 -2.24
C HIS F 45 -40.82 15.93 -1.04
N HIS F 46 -39.55 15.62 -1.28
CA HIS F 46 -38.57 15.50 -0.19
C HIS F 46 -37.29 16.25 -0.59
N PRO F 47 -37.39 17.57 -0.77
CA PRO F 47 -36.29 18.47 -1.14
C PRO F 47 -35.07 18.42 -0.24
N HIS F 48 -35.28 18.10 1.04
CA HIS F 48 -34.20 18.05 2.01
C HIS F 48 -33.19 16.92 1.75
N LEU F 49 -33.64 15.83 1.13
CA LEU F 49 -32.75 14.70 0.87
C LEU F 49 -31.56 15.13 0.05
N GLY F 50 -31.80 16.02 -0.91
CA GLY F 50 -30.71 16.49 -1.74
C GLY F 50 -30.05 15.32 -2.45
N ARG F 52 -30.31 12.72 -6.23
CA ARG F 52 -30.71 12.74 -7.63
C ARG F 52 -31.33 11.42 -8.01
N VAL F 53 -31.86 11.38 -9.21
CA VAL F 53 -32.44 10.16 -9.73
C VAL F 53 -31.43 9.60 -10.73
N SER F 54 -31.13 8.32 -10.62
CA SER F 54 -30.20 7.69 -11.53
C SER F 54 -30.93 6.57 -12.24
N ALA F 55 -30.73 6.50 -13.55
CA ALA F 55 -31.38 5.46 -14.32
C ALA F 55 -30.52 4.21 -14.36
N LEU F 56 -31.17 3.05 -14.20
CA LEU F 56 -30.49 1.77 -14.26
C LEU F 56 -31.17 1.04 -15.42
N GLU F 57 -30.74 1.35 -16.64
CA GLU F 57 -31.31 0.76 -17.85
C GLU F 57 -30.67 -0.56 -18.27
N SER F 58 -29.40 -0.75 -17.92
CA SER F 58 -28.69 -1.96 -18.32
C SER F 58 -28.77 -3.08 -17.30
N ARG F 59 -28.51 -4.30 -17.77
CA ARG F 59 -28.50 -5.46 -16.90
C ARG F 59 -27.35 -5.24 -15.92
N ALA F 60 -26.26 -4.69 -16.44
CA ALA F 60 -25.05 -4.40 -15.66
C ALA F 60 -25.32 -3.44 -14.49
N LEU F 61 -25.98 -2.32 -14.77
CA LEU F 61 -26.28 -1.34 -13.72
C LEU F 61 -27.22 -1.94 -12.66
N LYS F 62 -28.17 -2.76 -13.09
CA LYS F 62 -29.09 -3.37 -12.15
C LYS F 62 -28.36 -4.33 -11.21
N GLU F 63 -27.45 -5.13 -11.75
CA GLU F 63 -26.68 -6.08 -10.96
C GLU F 63 -25.84 -5.33 -9.93
N ALA F 64 -25.14 -4.30 -10.38
CA ALA F 64 -24.28 -3.51 -9.51
C ALA F 64 -25.11 -2.92 -8.37
N TYR F 65 -26.29 -2.41 -8.73
CA TYR F 65 -27.19 -1.82 -7.75
C TYR F 65 -27.65 -2.86 -6.72
N LEU F 66 -28.02 -4.05 -7.17
CA LEU F 66 -28.47 -5.09 -6.24
C LEU F 66 -27.33 -5.49 -5.30
N ARG F 67 -26.11 -5.49 -5.82
CA ARG F 67 -24.94 -5.81 -5.00
C ARG F 67 -24.76 -4.72 -3.94
N ALA F 68 -25.02 -3.47 -4.33
CA ALA F 68 -24.90 -2.34 -3.40
C ALA F 68 -25.92 -2.51 -2.27
N LEU F 69 -27.17 -2.84 -2.60
CA LEU F 69 -28.18 -3.05 -1.56
C LEU F 69 -27.70 -4.15 -0.61
N GLY F 70 -27.08 -5.19 -1.17
CA GLY F 70 -26.57 -6.29 -0.35
C GLY F 70 -25.50 -5.80 0.61
N LEU F 72 -25.43 -2.99 1.68
CA LEU F 72 -26.15 -2.08 2.56
C LEU F 72 -27.09 -2.79 3.52
N GLN F 73 -27.15 -4.11 3.43
CA GLN F 73 -28.02 -4.87 4.34
C GLN F 73 -29.50 -4.63 4.01
N VAL F 74 -29.79 -4.29 2.75
CA VAL F 74 -31.16 -4.04 2.33
C VAL F 74 -31.66 -5.31 1.61
N GLU F 75 -32.73 -5.91 2.14
CA GLU F 75 -33.28 -7.13 1.54
C GLU F 75 -34.60 -6.94 0.83
N ALA F 76 -35.16 -5.75 0.91
CA ALA F 76 -36.42 -5.50 0.25
C ALA F 76 -36.42 -4.11 -0.35
N VAL F 77 -37.28 -3.92 -1.34
CA VAL F 77 -37.36 -2.66 -2.04
C VAL F 77 -38.82 -2.31 -2.35
N VAL F 79 -41.58 -0.52 -4.71
CA VAL F 79 -41.73 -0.21 -6.12
C VAL F 79 -42.75 0.89 -6.33
N ASP F 80 -42.31 2.00 -6.94
CA ASP F 80 -43.17 3.15 -7.19
C ASP F 80 -43.84 3.65 -5.91
N TYR F 81 -43.06 3.89 -4.87
CA TYR F 81 -43.65 4.38 -3.65
C TYR F 81 -44.25 5.78 -3.88
N ARG F 82 -45.39 6.01 -3.24
CA ARG F 82 -46.12 7.28 -3.27
C ARG F 82 -47.40 7.07 -2.44
N PRO F 83 -47.93 8.16 -1.85
CA PRO F 83 -49.14 8.14 -1.01
C PRO F 83 -50.41 7.62 -1.67
N GLY F 84 -50.74 8.16 -2.84
CA GLY F 84 -51.96 7.78 -3.55
C GLY F 84 -52.27 6.30 -3.72
N THR F 85 -51.26 5.43 -3.64
CA THR F 85 -51.49 4.00 -3.82
C THR F 85 -52.39 3.37 -2.77
N HIS F 86 -52.87 2.19 -3.11
CA HIS F 86 -53.75 1.38 -2.28
C HIS F 86 -52.90 0.66 -1.26
N ARG F 87 -51.88 -0.03 -1.75
CA ARG F 87 -50.97 -0.77 -0.90
C ARG F 87 -49.52 -0.47 -1.27
N ALA F 88 -48.61 -1.10 -0.57
CA ALA F 88 -47.20 -0.94 -0.81
C ALA F 88 -46.74 -2.06 -1.73
N GLN F 89 -45.89 -1.73 -2.68
CA GLN F 89 -45.34 -2.70 -3.60
C GLN F 89 -43.94 -3.00 -3.09
N VAL F 90 -43.76 -4.15 -2.46
CA VAL F 90 -42.45 -4.53 -1.92
C VAL F 90 -41.87 -5.75 -2.63
N ALA F 91 -40.69 -5.57 -3.20
CA ALA F 91 -40.00 -6.64 -3.91
C ALA F 91 -38.77 -7.13 -3.12
N ARG F 92 -38.72 -8.44 -2.88
CA ARG F 92 -37.61 -9.07 -2.17
C ARG F 92 -36.35 -8.91 -3.02
N VAL F 93 -35.27 -8.43 -2.42
CA VAL F 93 -34.04 -8.29 -3.20
C VAL F 93 -33.66 -9.65 -3.78
N LYS F 94 -33.98 -10.71 -3.05
CA LYS F 94 -33.67 -12.05 -3.50
C LYS F 94 -34.35 -12.32 -4.86
N ASP F 95 -35.57 -11.83 -5.04
CA ASP F 95 -36.32 -12.03 -6.28
C ASP F 95 -35.89 -11.09 -7.40
N LEU F 96 -35.49 -9.87 -7.03
CA LEU F 96 -35.05 -8.92 -8.02
C LEU F 96 -33.78 -9.46 -8.66
N LEU F 97 -33.08 -10.32 -7.94
CA LEU F 97 -31.86 -10.92 -8.46
C LEU F 97 -32.17 -11.92 -9.55
N GLU F 98 -33.24 -12.69 -9.36
CA GLU F 98 -33.64 -13.69 -10.34
C GLU F 98 -34.19 -13.04 -11.60
N GLU F 99 -34.85 -11.90 -11.43
CA GLU F 99 -35.41 -11.21 -12.58
C GLU F 99 -34.31 -10.55 -13.38
N VAL F 100 -33.38 -9.93 -12.67
CA VAL F 100 -32.27 -9.26 -13.31
C VAL F 100 -31.44 -10.26 -14.13
N ARG F 101 -31.44 -11.52 -13.68
CA ARG F 101 -30.70 -12.56 -14.37
C ARG F 101 -31.30 -12.85 -15.74
N ARG F 102 -32.44 -12.26 -16.03
CA ARG F 102 -33.11 -12.48 -17.31
C ARG F 102 -33.17 -11.23 -18.17
N ALA F 103 -32.47 -10.19 -17.74
CA ALA F 103 -32.44 -8.93 -18.49
C ALA F 103 -31.10 -8.80 -19.22
N ASP G 4 -1.80 -0.10 -36.46
CA ASP G 4 -1.25 -1.19 -35.61
C ASP G 4 0.26 -1.35 -35.83
N LEU G 5 0.87 -2.22 -35.04
CA LEU G 5 2.31 -2.46 -35.11
C LEU G 5 2.73 -3.45 -36.19
N SER G 6 1.76 -4.06 -36.86
CA SER G 6 2.06 -4.99 -37.94
C SER G 6 2.63 -4.11 -39.06
N GLY G 7 3.70 -4.55 -39.70
CA GLY G 7 4.29 -3.74 -40.75
C GLY G 7 5.46 -2.90 -40.25
N THR G 8 6.24 -2.35 -41.18
CA THR G 8 7.42 -1.55 -40.87
C THR G 8 7.25 -0.56 -39.71
N TRP G 9 8.22 -0.53 -38.80
CA TRP G 9 8.20 0.43 -37.68
C TRP G 9 9.17 1.57 -38.02
N TYR G 10 8.75 2.80 -37.73
CA TYR G 10 9.58 3.97 -37.99
C TYR G 10 10.02 4.55 -36.65
N VAL G 11 11.31 4.44 -36.38
CA VAL G 11 11.85 4.90 -35.12
C VAL G 11 12.92 5.99 -35.27
N LEU G 12 13.28 6.60 -34.15
CA LEU G 12 14.31 7.63 -34.18
C LEU G 12 15.67 7.03 -33.81
N GLU G 13 16.72 7.60 -34.39
CA GLU G 13 18.07 7.13 -34.11
C GLU G 13 19.10 8.27 -34.17
N GLY G 14 20.11 8.18 -33.32
CA GLY G 14 21.15 9.19 -33.28
C GLY G 14 22.46 8.43 -33.30
N ASP G 15 23.16 8.41 -32.16
CA ASP G 15 24.40 7.64 -32.07
C ASP G 15 23.87 6.21 -32.01
N PRO G 16 24.68 5.23 -32.43
CA PRO G 16 24.24 3.83 -32.41
C PRO G 16 23.62 3.39 -31.07
N GLY G 17 22.41 2.86 -31.12
CA GLY G 17 21.75 2.41 -29.91
C GLY G 17 21.22 3.54 -29.03
N GLU G 18 20.82 4.62 -29.66
CA GLU G 18 20.28 5.80 -28.98
C GLU G 18 18.99 6.11 -29.76
N HIS G 19 17.85 6.03 -29.10
CA HIS G 19 16.57 6.24 -29.80
C HIS G 19 15.68 7.35 -29.24
N LEU G 20 16.24 8.19 -28.37
CA LEU G 20 15.53 9.30 -27.72
C LEU G 20 14.65 8.72 -26.63
N VAL G 21 15.13 8.80 -25.40
CA VAL G 21 14.38 8.29 -24.28
C VAL G 21 13.94 9.44 -23.43
N VAL G 22 12.71 9.37 -22.95
CA VAL G 22 12.17 10.41 -22.11
C VAL G 22 11.60 9.81 -20.83
N GLU G 23 11.97 10.40 -19.71
CA GLU G 23 11.48 9.95 -18.42
C GLU G 23 10.33 10.86 -18.08
N ALA G 24 9.14 10.44 -18.49
CA ALA G 24 7.91 11.19 -18.24
C ALA G 24 7.06 10.36 -17.29
N LEU G 25 6.96 10.83 -16.04
CA LEU G 25 6.19 10.16 -15.00
C LEU G 25 7.01 9.05 -14.31
N GLY G 26 8.34 9.23 -14.29
CA GLY G 26 9.22 8.26 -13.68
C GLY G 26 9.55 7.10 -14.60
N GLU G 27 8.70 6.88 -15.59
CA GLU G 27 8.87 5.80 -16.56
C GLU G 27 9.76 6.20 -17.72
N ARG G 28 10.71 5.34 -18.06
CA ARG G 28 11.59 5.60 -19.18
C ARG G 28 10.83 5.19 -20.43
N LEU G 29 10.59 6.16 -21.31
CA LEU G 29 9.85 5.90 -22.53
C LEU G 29 10.59 6.28 -23.79
N SER G 30 10.26 5.59 -24.87
CA SER G 30 10.82 5.92 -26.17
C SER G 30 9.63 5.94 -27.12
N GLY G 31 9.86 6.12 -28.40
CA GLY G 31 8.75 6.17 -29.32
C GLY G 31 8.91 5.43 -30.61
N ILE G 32 7.79 4.99 -31.16
CA ILE G 32 7.75 4.30 -32.43
C ILE G 32 6.59 4.88 -33.22
N TRP G 33 6.71 4.86 -34.55
CA TRP G 33 5.67 5.39 -35.41
C TRP G 33 5.32 4.38 -36.49
N THR G 34 4.09 4.41 -36.97
CA THR G 34 3.67 3.44 -37.98
C THR G 34 3.82 3.91 -39.43
N SER G 35 4.25 5.15 -39.61
CA SER G 35 4.47 5.70 -40.95
C SER G 35 5.71 6.61 -40.89
N ARG G 36 6.35 6.87 -42.03
CA ARG G 36 7.51 7.74 -42.03
C ARG G 36 7.15 9.20 -41.83
N GLU G 37 6.09 9.64 -42.49
CA GLU G 37 5.68 11.04 -42.38
C GLU G 37 5.35 11.42 -40.93
N LEU G 38 4.70 10.51 -40.20
CA LEU G 38 4.34 10.76 -38.81
C LEU G 38 5.59 10.83 -37.93
N ALA G 39 6.61 10.03 -38.27
CA ALA G 39 7.85 10.04 -37.51
C ALA G 39 8.63 11.30 -37.84
N GLU G 40 8.65 11.66 -39.13
CA GLU G 40 9.35 12.85 -39.60
C GLU G 40 8.69 14.13 -39.08
N ALA G 41 7.37 14.14 -39.04
CA ALA G 41 6.65 15.29 -38.52
C ALA G 41 7.07 15.48 -37.05
N PHE G 42 7.21 14.39 -36.31
CA PHE G 42 7.65 14.51 -34.92
C PHE G 42 9.08 15.04 -34.84
N LEU G 43 9.93 14.53 -35.74
CA LEU G 43 11.33 14.92 -35.79
C LEU G 43 11.44 16.40 -36.16
N ALA G 44 10.61 16.82 -37.10
CA ALA G 44 10.61 18.21 -37.54
C ALA G 44 10.43 19.12 -36.33
N HIS G 45 9.62 18.69 -35.38
CA HIS G 45 9.41 19.52 -34.19
C HIS G 45 10.49 19.39 -33.16
N HIS G 46 11.43 18.46 -33.35
CA HIS G 46 12.51 18.28 -32.38
C HIS G 46 13.90 18.31 -32.99
N PRO G 47 14.42 19.51 -33.29
CA PRO G 47 15.76 19.64 -33.87
C PRO G 47 16.78 19.72 -32.77
N HIS G 48 18.05 19.76 -33.17
CA HIS G 48 19.15 19.89 -32.23
C HIS G 48 19.37 18.67 -31.38
N LEU G 49 18.78 17.54 -31.76
CA LEU G 49 18.99 16.32 -31.00
C LEU G 49 19.80 15.33 -31.83
N GLY G 50 20.11 15.70 -33.06
CA GLY G 50 20.89 14.84 -33.93
C GLY G 50 20.22 13.52 -34.30
N ARG G 52 17.37 11.10 -36.60
CA ARG G 52 16.93 10.88 -37.97
C ARG G 52 15.96 9.71 -37.88
N VAL G 53 15.08 9.60 -38.87
CA VAL G 53 14.09 8.54 -38.90
C VAL G 53 14.62 7.29 -39.62
N SER G 54 14.58 6.15 -38.94
CA SER G 54 15.03 4.89 -39.50
C SER G 54 13.86 3.92 -39.55
N ALA G 55 13.84 3.07 -40.58
CA ALA G 55 12.78 2.11 -40.76
C ALA G 55 13.21 0.68 -40.44
N LEU G 56 12.36 -0.04 -39.72
CA LEU G 56 12.61 -1.43 -39.34
C LEU G 56 11.56 -2.26 -40.08
N GLU G 57 11.97 -2.97 -41.13
CA GLU G 57 11.01 -3.75 -41.89
C GLU G 57 10.92 -5.19 -41.43
N SER G 58 12.07 -5.78 -41.11
CA SER G 58 12.12 -7.17 -40.68
C SER G 58 11.90 -7.37 -39.20
N ARG G 59 11.68 -8.62 -38.80
CA ARG G 59 11.48 -8.92 -37.40
C ARG G 59 12.84 -8.79 -36.72
N ALA G 60 13.88 -9.17 -37.45
CA ALA G 60 15.25 -9.12 -36.96
C ALA G 60 15.63 -7.71 -36.53
N LEU G 61 15.23 -6.71 -37.32
CA LEU G 61 15.53 -5.32 -37.01
C LEU G 61 14.74 -4.84 -35.78
N LYS G 62 13.42 -5.04 -35.82
CA LYS G 62 12.56 -4.64 -34.70
C LYS G 62 13.03 -5.28 -33.42
N GLU G 63 13.43 -6.55 -33.52
CA GLU G 63 13.91 -7.27 -32.36
C GLU G 63 15.15 -6.61 -31.77
N ALA G 64 16.14 -6.34 -32.63
CA ALA G 64 17.40 -5.71 -32.22
C ALA G 64 17.11 -4.37 -31.55
N TYR G 65 16.25 -3.58 -32.18
CA TYR G 65 15.85 -2.28 -31.66
C TYR G 65 15.25 -2.44 -30.26
N LEU G 66 14.29 -3.36 -30.14
CA LEU G 66 13.64 -3.60 -28.86
C LEU G 66 14.62 -4.11 -27.79
N ARG G 67 15.60 -4.89 -28.20
CA ARG G 67 16.60 -5.40 -27.25
C ARG G 67 17.51 -4.29 -26.74
N ALA G 68 17.73 -3.27 -27.59
CA ALA G 68 18.56 -2.13 -27.20
C ALA G 68 17.78 -1.37 -26.14
N LEU G 69 16.48 -1.18 -26.38
CA LEU G 69 15.65 -0.47 -25.42
C LEU G 69 15.65 -1.19 -24.07
N GLY G 70 15.47 -2.51 -24.11
CA GLY G 70 15.45 -3.28 -22.87
C GLY G 70 16.73 -3.14 -22.07
N LEU G 72 18.66 -0.70 -22.05
CA LEU G 72 18.71 0.68 -21.54
C LEU G 72 17.62 0.94 -20.52
N GLN G 73 16.98 -0.14 -20.06
CA GLN G 73 15.91 -0.07 -19.07
C GLN G 73 14.73 0.77 -19.53
N VAL G 74 14.35 0.61 -20.80
CA VAL G 74 13.19 1.32 -21.34
C VAL G 74 12.09 0.29 -21.30
N GLU G 75 11.12 0.49 -20.41
CA GLU G 75 10.03 -0.49 -20.27
C GLU G 75 8.86 -0.36 -21.22
N ALA G 76 8.67 0.81 -21.82
CA ALA G 76 7.55 0.98 -22.73
C ALA G 76 7.82 1.98 -23.85
N VAL G 77 7.07 1.81 -24.94
CA VAL G 77 7.17 2.68 -26.10
C VAL G 77 5.81 3.30 -26.43
N VAL G 79 3.33 4.57 -29.12
CA VAL G 79 3.14 4.36 -30.55
C VAL G 79 2.47 5.58 -31.16
N ASP G 80 3.00 6.04 -32.29
CA ASP G 80 2.48 7.19 -33.01
C ASP G 80 2.17 8.40 -32.15
N TYR G 81 3.19 8.99 -31.54
CA TYR G 81 2.98 10.16 -30.70
C TYR G 81 2.79 11.40 -31.56
N ARG G 82 1.74 12.16 -31.25
CA ARG G 82 1.40 13.40 -31.95
C ARG G 82 0.57 14.30 -31.03
N PRO G 83 1.06 15.52 -30.76
CA PRO G 83 0.39 16.50 -29.89
C PRO G 83 -1.13 16.40 -29.85
N GLY G 84 -1.80 16.90 -30.88
CA GLY G 84 -3.24 16.86 -30.92
C GLY G 84 -3.82 15.53 -31.36
N THR G 85 -4.04 14.64 -30.40
CA THR G 85 -4.59 13.32 -30.68
C THR G 85 -5.44 12.78 -29.53
N HIS G 86 -5.90 11.54 -29.67
CA HIS G 86 -6.72 10.88 -28.67
C HIS G 86 -5.83 10.31 -27.57
N ARG G 87 -4.57 10.75 -27.55
CA ARG G 87 -3.56 10.32 -26.57
C ARG G 87 -2.86 9.06 -27.06
N ALA G 88 -1.63 9.22 -27.53
CA ALA G 88 -0.82 8.10 -28.05
C ALA G 88 -0.94 6.80 -27.25
N GLN G 89 -0.94 5.68 -27.95
CA GLN G 89 -1.07 4.37 -27.32
C GLN G 89 0.32 3.88 -26.88
N VAL G 90 0.40 3.39 -25.65
CA VAL G 90 1.66 2.90 -25.11
C VAL G 90 1.73 1.38 -25.17
N ALA G 91 2.93 0.87 -25.40
CA ALA G 91 3.15 -0.57 -25.49
C ALA G 91 4.40 -0.93 -24.70
N ARG G 92 4.32 -1.99 -23.92
CA ARG G 92 5.41 -2.47 -23.09
C ARG G 92 6.50 -3.12 -23.95
N VAL G 93 7.75 -2.78 -23.70
CA VAL G 93 8.86 -3.33 -24.49
C VAL G 93 8.94 -4.86 -24.38
N LYS G 94 8.91 -5.37 -23.15
CA LYS G 94 8.96 -6.81 -22.92
C LYS G 94 7.88 -7.53 -23.71
N ASP G 95 6.73 -6.90 -23.87
CA ASP G 95 5.63 -7.49 -24.62
C ASP G 95 5.89 -7.49 -26.12
N LEU G 96 6.30 -6.34 -26.66
CA LEU G 96 6.58 -6.23 -28.08
C LEU G 96 7.76 -7.14 -28.42
N LEU G 97 8.66 -7.27 -27.44
CA LEU G 97 9.85 -8.08 -27.62
C LEU G 97 9.48 -9.55 -27.77
N GLU G 98 8.49 -10.00 -27.00
CA GLU G 98 8.04 -11.38 -27.08
C GLU G 98 7.26 -11.66 -28.36
N GLU G 99 6.46 -10.69 -28.79
CA GLU G 99 5.66 -10.86 -30.00
C GLU G 99 6.54 -10.97 -31.25
N VAL G 100 7.55 -10.11 -31.35
CA VAL G 100 8.43 -10.12 -32.52
C VAL G 100 9.56 -11.16 -32.44
N ARG G 101 9.68 -11.84 -31.31
CA ARG G 101 10.72 -12.85 -31.15
C ARG G 101 10.17 -14.26 -31.40
N LEU H 5 19.79 34.30 -17.67
CA LEU H 5 19.52 33.06 -16.86
C LEU H 5 19.68 33.38 -15.37
N SER H 6 19.58 34.65 -15.04
CA SER H 6 19.72 35.08 -13.66
C SER H 6 18.38 35.39 -13.01
N GLY H 7 17.33 35.39 -13.83
CA GLY H 7 15.99 35.66 -13.31
C GLY H 7 15.28 34.37 -12.95
N THR H 8 13.96 34.41 -12.89
CA THR H 8 13.18 33.21 -12.55
C THR H 8 13.38 32.12 -13.59
N TRP H 9 13.55 30.89 -13.12
CA TRP H 9 13.71 29.73 -14.00
C TRP H 9 12.36 29.03 -14.09
N TYR H 10 12.08 28.46 -15.25
CA TYR H 10 10.82 27.78 -15.46
C TYR H 10 11.13 26.35 -15.86
N VAL H 11 10.47 25.39 -15.20
CA VAL H 11 10.68 23.98 -15.49
C VAL H 11 9.39 23.18 -15.56
N LEU H 12 9.50 21.97 -16.07
CA LEU H 12 8.36 21.08 -16.20
C LEU H 12 8.47 20.00 -15.13
N GLU H 13 7.32 19.57 -14.60
CA GLU H 13 7.30 18.53 -13.58
C GLU H 13 5.87 18.10 -13.33
N GLY H 14 5.68 16.80 -13.12
CA GLY H 14 4.37 16.26 -12.87
C GLY H 14 4.14 16.14 -11.39
N ASP H 15 3.31 15.17 -10.99
CA ASP H 15 3.01 14.94 -9.58
C ASP H 15 4.29 15.04 -8.77
N PRO H 16 4.20 15.56 -7.53
CA PRO H 16 5.30 15.74 -6.58
C PRO H 16 6.56 14.91 -6.78
N GLY H 17 7.62 15.54 -7.31
CA GLY H 17 8.87 14.84 -7.48
C GLY H 17 9.36 14.45 -8.86
N GLU H 18 8.50 14.45 -9.86
CA GLU H 18 8.95 14.05 -11.19
C GLU H 18 9.19 15.20 -12.16
N HIS H 19 10.41 15.29 -12.66
CA HIS H 19 10.78 16.33 -13.61
C HIS H 19 10.86 15.73 -15.01
N LEU H 20 11.37 16.50 -15.95
CA LEU H 20 11.51 16.00 -17.30
C LEU H 20 12.98 15.72 -17.58
N VAL H 21 13.27 14.52 -18.07
CA VAL H 21 14.62 14.13 -18.42
C VAL H 21 14.54 13.46 -19.77
N VAL H 22 15.41 13.87 -20.67
CA VAL H 22 15.44 13.30 -22.01
C VAL H 22 16.87 12.82 -22.29
N GLU H 23 16.98 11.79 -23.13
CA GLU H 23 18.29 11.26 -23.46
C GLU H 23 18.64 11.50 -24.92
N ALA H 24 19.42 12.56 -25.12
CA ALA H 24 19.85 12.96 -26.45
C ALA H 24 21.24 13.59 -26.34
N LEU H 25 21.93 13.68 -27.46
CA LEU H 25 23.25 14.29 -27.49
C LEU H 25 24.20 13.60 -26.52
N GLY H 26 24.01 12.30 -26.35
CA GLY H 26 24.85 11.50 -25.48
C GLY H 26 24.74 11.78 -23.99
N GLU H 27 23.59 12.23 -23.51
CA GLU H 27 23.44 12.52 -22.09
C GLU H 27 22.00 12.56 -21.55
N ARG H 28 21.91 12.77 -20.25
CA ARG H 28 20.64 12.90 -19.56
C ARG H 28 20.47 14.40 -19.41
N LEU H 29 19.48 14.95 -20.11
CA LEU H 29 19.22 16.37 -20.08
C LEU H 29 17.91 16.75 -19.44
N SER H 30 17.87 17.96 -18.90
CA SER H 30 16.67 18.50 -18.31
C SER H 30 16.50 19.84 -19.01
N GLY H 31 15.43 20.55 -18.70
CA GLY H 31 15.24 21.82 -19.36
C GLY H 31 14.82 22.98 -18.49
N ILE H 32 15.46 24.13 -18.76
CA ILE H 32 15.16 25.36 -18.05
C ILE H 32 14.82 26.43 -19.08
N TRP H 33 13.68 27.09 -18.90
CA TRP H 33 13.24 28.15 -19.78
C TRP H 33 13.32 29.47 -18.99
N THR H 34 13.58 30.57 -19.68
CA THR H 34 13.68 31.86 -19.02
C THR H 34 12.35 32.62 -18.94
N SER H 35 11.31 32.04 -19.51
CA SER H 35 10.00 32.68 -19.49
C SER H 35 8.94 31.61 -19.30
N ARG H 36 7.83 31.98 -18.68
CA ARG H 36 6.75 31.01 -18.52
C ARG H 36 6.15 30.74 -19.89
N GLU H 37 6.07 31.79 -20.70
CA GLU H 37 5.50 31.67 -22.05
C GLU H 37 6.32 30.68 -22.86
N LEU H 38 7.65 30.78 -22.77
CA LEU H 38 8.51 29.87 -23.52
C LEU H 38 8.36 28.41 -23.11
N ALA H 39 8.28 28.17 -21.81
CA ALA H 39 8.12 26.82 -21.27
C ALA H 39 6.74 26.25 -21.56
N GLU H 40 5.72 27.09 -21.44
CA GLU H 40 4.35 26.66 -21.72
C GLU H 40 4.18 26.40 -23.20
N ALA H 41 4.96 27.10 -24.02
CA ALA H 41 4.90 26.89 -25.46
C ALA H 41 5.42 25.48 -25.74
N PHE H 42 6.48 25.10 -25.02
CA PHE H 42 7.06 23.77 -25.16
C PHE H 42 6.08 22.71 -24.65
N LEU H 43 5.52 22.95 -23.47
CA LEU H 43 4.57 22.03 -22.87
C LEU H 43 3.33 21.85 -23.75
N ALA H 44 2.88 22.92 -24.39
CA ALA H 44 1.72 22.86 -25.27
C ALA H 44 2.01 21.92 -26.43
N HIS H 45 3.30 21.79 -26.75
CA HIS H 45 3.77 20.93 -27.82
C HIS H 45 3.99 19.49 -27.36
N HIS H 46 4.11 19.30 -26.05
CA HIS H 46 4.30 17.96 -25.51
C HIS H 46 3.22 17.58 -24.52
N PRO H 47 2.05 17.20 -25.03
CA PRO H 47 0.94 16.79 -24.17
C PRO H 47 1.04 15.33 -23.76
N HIS H 48 0.24 14.95 -22.76
CA HIS H 48 0.17 13.57 -22.26
C HIS H 48 1.39 13.03 -21.52
N LEU H 49 2.16 13.91 -20.92
CA LEU H 49 3.33 13.49 -20.15
C LEU H 49 3.09 13.86 -18.69
N GLY H 50 1.87 14.30 -18.40
CA GLY H 50 1.51 14.68 -17.06
C GLY H 50 2.47 15.70 -16.49
N ARG H 52 3.69 19.93 -15.92
CA ARG H 52 3.14 21.25 -15.64
C ARG H 52 4.34 22.18 -15.47
N VAL H 53 4.15 23.47 -15.75
CA VAL H 53 5.23 24.44 -15.62
C VAL H 53 5.33 25.01 -14.20
N SER H 54 6.54 25.07 -13.67
CA SER H 54 6.76 25.60 -12.33
C SER H 54 7.72 26.77 -12.36
N ALA H 55 7.57 27.70 -11.42
CA ALA H 55 8.43 28.87 -11.34
C ALA H 55 9.42 28.79 -10.19
N LEU H 56 10.70 28.91 -10.51
CA LEU H 56 11.76 28.86 -9.51
C LEU H 56 12.25 30.30 -9.36
N GLU H 57 11.51 31.08 -8.59
CA GLU H 57 11.80 32.50 -8.39
C GLU H 57 12.64 32.83 -7.16
N SER H 58 13.17 31.83 -6.48
CA SER H 58 13.95 32.08 -5.28
C SER H 58 15.19 31.21 -5.19
N ARG H 59 16.15 31.67 -4.40
CA ARG H 59 17.40 30.95 -4.20
C ARG H 59 17.06 29.53 -3.75
N ALA H 60 16.07 29.45 -2.87
CA ALA H 60 15.62 28.19 -2.32
C ALA H 60 15.23 27.17 -3.39
N LEU H 61 14.16 27.46 -4.12
CA LEU H 61 13.67 26.58 -5.17
C LEU H 61 14.72 26.23 -6.23
N LYS H 62 15.54 27.19 -6.63
CA LYS H 62 16.56 26.95 -7.63
C LYS H 62 17.55 25.87 -7.18
N GLU H 63 18.07 26.02 -5.97
CA GLU H 63 19.02 25.04 -5.44
C GLU H 63 18.33 23.69 -5.26
N ALA H 64 17.05 23.73 -4.87
CA ALA H 64 16.28 22.52 -4.68
C ALA H 64 16.07 21.83 -6.02
N TYR H 65 16.15 22.60 -7.10
CA TYR H 65 15.99 22.06 -8.45
C TYR H 65 17.28 21.38 -8.88
N LEU H 66 18.40 22.06 -8.70
CA LEU H 66 19.70 21.52 -9.07
C LEU H 66 20.07 20.34 -8.18
N ARG H 67 19.62 20.36 -6.93
CA ARG H 67 19.89 19.26 -6.01
C ARG H 67 18.97 18.11 -6.37
N ALA H 68 17.88 18.44 -7.05
CA ALA H 68 16.92 17.43 -7.49
C ALA H 68 17.47 16.80 -8.76
N LEU H 69 18.11 17.61 -9.61
CA LEU H 69 18.68 17.08 -10.84
C LEU H 69 19.87 16.23 -10.45
N GLY H 70 20.29 16.37 -9.20
CA GLY H 70 21.40 15.58 -8.70
C GLY H 70 20.92 14.15 -8.51
N LEU H 72 18.64 12.75 -9.99
CA LEU H 72 18.26 12.18 -11.28
C LEU H 72 19.42 11.89 -12.22
N GLN H 73 20.63 12.15 -11.78
CA GLN H 73 21.81 11.91 -12.61
C GLN H 73 21.83 12.84 -13.83
N VAL H 74 21.19 14.00 -13.70
CA VAL H 74 21.15 14.95 -14.80
C VAL H 74 22.40 15.83 -14.66
N GLU H 75 23.25 15.80 -15.66
CA GLU H 75 24.49 16.57 -15.66
C GLU H 75 24.42 17.85 -16.49
N ALA H 76 23.31 18.07 -17.18
CA ALA H 76 23.17 19.26 -18.01
C ALA H 76 21.71 19.58 -18.34
N VAL H 77 21.47 20.81 -18.78
CA VAL H 77 20.12 21.22 -19.15
C VAL H 77 20.16 22.06 -20.40
N VAL H 79 18.81 25.19 -22.33
CA VAL H 79 18.22 26.47 -21.97
C VAL H 79 17.35 27.01 -23.09
N ASP H 80 16.08 27.24 -22.76
CA ASP H 80 15.10 27.75 -23.71
C ASP H 80 15.02 26.92 -24.98
N TYR H 81 14.84 25.61 -24.84
CA TYR H 81 14.73 24.75 -25.99
C TYR H 81 13.50 25.12 -26.81
N ARG H 82 13.64 25.01 -28.12
CA ARG H 82 12.57 25.32 -29.06
C ARG H 82 13.13 25.22 -30.48
N PRO H 83 12.27 24.91 -31.46
CA PRO H 83 12.78 24.81 -32.84
C PRO H 83 13.28 26.19 -33.28
N GLY H 84 14.44 26.22 -33.91
CA GLY H 84 15.00 27.47 -34.36
C GLY H 84 16.33 27.27 -35.05
N THR H 85 16.75 28.25 -35.84
CA THR H 85 18.02 28.18 -36.56
C THR H 85 19.14 28.52 -35.57
N HIS H 86 18.76 28.56 -34.30
CA HIS H 86 19.67 28.89 -33.21
C HIS H 86 20.25 27.61 -32.61
N ARG H 87 21.57 27.48 -32.60
CA ARG H 87 22.22 26.30 -32.05
C ARG H 87 21.66 26.01 -30.66
N ALA H 88 21.65 24.74 -30.27
CA ALA H 88 21.15 24.34 -28.96
C ALA H 88 21.98 24.96 -27.84
N GLN H 89 21.31 25.40 -26.79
CA GLN H 89 21.99 26.02 -25.66
C GLN H 89 21.94 25.05 -24.49
N VAL H 90 23.10 24.52 -24.12
CA VAL H 90 23.16 23.59 -23.01
C VAL H 90 24.06 24.10 -21.90
N ALA H 91 23.62 23.88 -20.66
CA ALA H 91 24.37 24.32 -19.49
C ALA H 91 24.58 23.14 -18.55
N ARG H 92 25.80 23.02 -18.01
CA ARG H 92 26.14 21.95 -17.08
C ARG H 92 25.57 22.30 -15.71
N VAL H 93 24.89 21.35 -15.07
CA VAL H 93 24.30 21.58 -13.76
C VAL H 93 25.32 22.13 -12.77
N LYS H 94 26.59 21.78 -12.99
CA LYS H 94 27.68 22.24 -12.14
C LYS H 94 27.82 23.76 -12.25
N ASP H 95 27.87 24.24 -13.49
CA ASP H 95 28.00 25.68 -13.78
C ASP H 95 26.80 26.45 -13.23
N LEU H 96 25.67 25.77 -13.08
CA LEU H 96 24.46 26.40 -12.57
C LEU H 96 24.45 26.42 -11.05
N LEU H 97 24.72 25.26 -10.44
CA LEU H 97 24.75 25.13 -8.99
C LEU H 97 25.52 26.27 -8.34
N GLU H 98 26.62 26.68 -8.95
CA GLU H 98 27.42 27.77 -8.41
C GLU H 98 26.95 29.14 -8.90
N GLU H 99 26.43 29.20 -10.11
CA GLU H 99 25.94 30.46 -10.66
C GLU H 99 24.73 30.92 -9.85
N VAL H 100 24.26 30.06 -8.95
CA VAL H 100 23.11 30.36 -8.10
C VAL H 100 23.54 30.66 -6.67
N ARG H 101 24.82 30.45 -6.37
CA ARG H 101 25.35 30.69 -5.03
C ARG H 101 26.02 32.06 -4.92
N PRO I 3 38.17 12.11 18.61
CA PRO I 3 37.12 11.20 18.09
C PRO I 3 37.74 9.85 17.69
N ASP I 4 37.83 8.93 18.66
CA ASP I 4 38.42 7.61 18.43
C ASP I 4 37.42 6.60 17.82
N LEU I 5 37.66 6.24 16.57
CA LEU I 5 36.79 5.31 15.89
C LEU I 5 37.47 3.97 15.61
N SER I 6 38.40 3.58 16.48
CA SER I 6 39.11 2.32 16.30
C SER I 6 38.39 1.17 16.98
N GLY I 7 37.46 1.49 17.85
CA GLY I 7 36.71 0.44 18.53
C GLY I 7 35.54 0.02 17.65
N THR I 8 34.56 -0.64 18.24
CA THR I 8 33.39 -1.09 17.50
C THR I 8 32.48 0.07 17.07
N TRP I 9 31.89 -0.04 15.89
CA TRP I 9 30.97 0.98 15.38
C TRP I 9 29.54 0.49 15.61
N TYR I 10 28.71 1.32 16.22
CA TYR I 10 27.34 0.97 16.49
C TYR I 10 26.44 1.85 15.59
N VAL I 11 25.66 1.19 14.75
CA VAL I 11 24.82 1.91 13.80
C VAL I 11 23.35 1.53 13.86
N LEU I 12 22.52 2.31 13.19
CA LEU I 12 21.10 2.05 13.18
C LEU I 12 20.71 1.24 11.96
N GLU I 13 19.86 0.26 12.18
CA GLU I 13 19.42 -0.59 11.08
C GLU I 13 17.97 -0.97 11.32
N GLY I 14 17.19 -1.06 10.25
CA GLY I 14 15.82 -1.50 10.38
C GLY I 14 16.01 -2.95 9.97
N ASP I 15 15.32 -3.38 8.94
CA ASP I 15 15.52 -4.74 8.45
C ASP I 15 16.95 -4.70 7.91
N PRO I 16 17.52 -5.86 7.58
CA PRO I 16 18.89 -5.85 7.07
C PRO I 16 19.09 -4.90 5.88
N GLY I 17 20.16 -4.12 5.95
CA GLY I 17 20.49 -3.19 4.88
C GLY I 17 19.73 -1.89 4.85
N GLU I 18 18.76 -1.73 5.74
CA GLU I 18 17.98 -0.49 5.78
C GLU I 18 18.65 0.47 6.76
N HIS I 19 18.94 1.68 6.30
CA HIS I 19 19.59 2.65 7.17
C HIS I 19 18.82 3.93 7.41
N LEU I 20 19.30 4.71 8.37
CA LEU I 20 18.68 5.98 8.66
C LEU I 20 19.58 7.01 8.00
N VAL I 21 18.98 7.90 7.23
CA VAL I 21 19.74 8.95 6.55
C VAL I 21 19.05 10.27 6.88
N VAL I 22 19.84 11.28 7.21
CA VAL I 22 19.29 12.58 7.52
C VAL I 22 19.93 13.64 6.66
N GLU I 23 19.13 14.53 6.08
CA GLU I 23 19.67 15.57 5.24
C GLU I 23 19.73 16.87 6.01
N ALA I 24 20.95 17.24 6.40
CA ALA I 24 21.21 18.45 7.15
C ALA I 24 22.67 18.83 6.91
N LEU I 25 23.04 20.01 7.36
CA LEU I 25 24.41 20.50 7.22
C LEU I 25 24.84 20.44 5.76
N GLY I 26 23.86 20.53 4.86
CA GLY I 26 24.17 20.51 3.44
C GLY I 26 24.69 19.20 2.90
N GLU I 27 24.21 18.09 3.45
CA GLU I 27 24.64 16.77 2.99
C GLU I 27 23.70 15.66 3.43
N ARG I 28 23.98 14.45 2.96
CA ARG I 28 23.21 13.25 3.31
C ARG I 28 24.02 12.62 4.44
N LEU I 29 23.46 12.64 5.65
CA LEU I 29 24.16 12.11 6.81
C LEU I 29 23.60 10.82 7.39
N SER I 30 24.49 10.03 7.97
CA SER I 30 24.07 8.82 8.65
C SER I 30 24.78 8.96 10.00
N GLY I 31 24.63 7.96 10.87
CA GLY I 31 25.25 8.07 12.18
C GLY I 31 26.01 6.88 12.71
N ILE I 32 27.03 7.18 13.52
CA ILE I 32 27.85 6.15 14.15
C ILE I 32 28.01 6.53 15.62
N TRP I 33 27.87 5.54 16.52
CA TRP I 33 28.00 5.77 17.95
C TRP I 33 29.12 4.88 18.46
N THR I 34 29.83 5.32 19.51
CA THR I 34 30.94 4.54 20.06
C THR I 34 30.58 3.47 21.06
N SER I 35 29.30 3.33 21.39
CA SER I 35 28.89 2.28 22.32
C SER I 35 27.48 1.86 21.96
N ARG I 36 27.09 0.63 22.30
CA ARG I 36 25.74 0.18 22.01
C ARG I 36 24.77 1.06 22.80
N GLU I 37 25.16 1.35 24.04
CA GLU I 37 24.34 2.15 24.93
C GLU I 37 23.98 3.56 24.42
N LEU I 38 24.93 4.25 23.80
CA LEU I 38 24.66 5.59 23.28
C LEU I 38 23.71 5.57 22.07
N ALA I 39 23.86 4.56 21.22
CA ALA I 39 23.01 4.42 20.05
C ALA I 39 21.59 4.03 20.45
N GLU I 40 21.49 3.19 21.48
CA GLU I 40 20.18 2.75 21.96
C GLU I 40 19.44 3.92 22.59
N ALA I 41 20.20 4.82 23.21
CA ALA I 41 19.59 5.98 23.84
C ALA I 41 18.92 6.77 22.73
N PHE I 42 19.64 6.93 21.61
CA PHE I 42 19.09 7.67 20.47
C PHE I 42 17.79 7.03 19.98
N LEU I 43 17.79 5.71 19.81
CA LEU I 43 16.59 5.04 19.34
C LEU I 43 15.47 5.19 20.36
N ALA I 44 15.79 5.12 21.64
CA ALA I 44 14.76 5.25 22.67
C ALA I 44 14.08 6.62 22.58
N HIS I 45 14.83 7.65 22.21
CA HIS I 45 14.29 9.00 22.10
C HIS I 45 13.57 9.21 20.75
N HIS I 46 13.65 8.23 19.88
CA HIS I 46 13.00 8.31 18.58
C HIS I 46 12.29 6.98 18.31
N PRO I 47 11.31 6.64 19.16
CA PRO I 47 10.51 5.42 19.11
C PRO I 47 9.81 5.15 17.79
N HIS I 48 9.64 6.18 16.98
CA HIS I 48 8.96 6.01 15.69
C HIS I 48 9.80 5.38 14.58
N LEU I 49 11.12 5.39 14.72
CA LEU I 49 11.98 4.83 13.67
C LEU I 49 11.77 3.35 13.38
N GLY I 50 11.43 2.58 14.40
CA GLY I 50 11.20 1.16 14.21
C GLY I 50 12.49 0.49 13.77
N ARG I 52 16.76 -0.81 14.89
CA ARG I 52 17.57 -1.45 15.92
C ARG I 52 19.04 -1.10 15.74
N VAL I 53 19.81 -1.26 16.80
CA VAL I 53 21.24 -0.96 16.74
C VAL I 53 22.03 -2.23 16.46
N SER I 54 22.96 -2.15 15.53
CA SER I 54 23.81 -3.28 15.18
C SER I 54 25.27 -2.88 15.36
N ALA I 55 26.06 -3.83 15.84
CA ALA I 55 27.47 -3.61 16.08
C ALA I 55 28.31 -4.05 14.89
N LEU I 56 29.29 -3.22 14.56
CA LEU I 56 30.22 -3.47 13.47
C LEU I 56 31.59 -3.66 14.16
N GLU I 57 31.86 -4.86 14.65
CA GLU I 57 33.12 -5.14 15.35
C GLU I 57 34.32 -5.41 14.47
N SER I 58 34.09 -5.94 13.28
CA SER I 58 35.18 -6.29 12.42
C SER I 58 35.43 -5.36 11.26
N ARG I 59 36.61 -5.55 10.66
CA ARG I 59 37.02 -4.78 9.49
C ARG I 59 35.98 -5.11 8.42
N ALA I 60 35.62 -6.39 8.31
CA ALA I 60 34.64 -6.84 7.31
C ALA I 60 33.32 -6.10 7.44
N LEU I 61 32.80 -6.00 8.66
CA LEU I 61 31.55 -5.31 8.88
C LEU I 61 31.65 -3.80 8.63
N LYS I 62 32.74 -3.17 9.03
CA LYS I 62 32.89 -1.74 8.78
C LYS I 62 32.98 -1.45 7.27
N GLU I 63 33.62 -2.36 6.53
CA GLU I 63 33.78 -2.22 5.07
C GLU I 63 32.44 -2.33 4.39
N ALA I 64 31.64 -3.30 4.83
CA ALA I 64 30.31 -3.51 4.25
C ALA I 64 29.44 -2.28 4.50
N TYR I 65 29.43 -1.82 5.74
CA TYR I 65 28.65 -0.65 6.13
C TYR I 65 29.06 0.58 5.31
N LEU I 66 30.37 0.81 5.16
CA LEU I 66 30.82 1.95 4.37
C LEU I 66 30.40 1.81 2.91
N ARG I 67 30.36 0.57 2.41
CA ARG I 67 29.92 0.33 1.04
C ARG I 67 28.44 0.69 0.95
N ALA I 68 27.68 0.28 1.96
CA ALA I 68 26.24 0.56 1.98
C ALA I 68 25.98 2.07 1.96
N LEU I 69 26.83 2.83 2.63
CA LEU I 69 26.71 4.29 2.68
C LEU I 69 26.94 4.86 1.29
N GLY I 70 27.76 4.16 0.51
CA GLY I 70 28.03 4.60 -0.85
C GLY I 70 26.80 4.36 -1.68
N LEU I 72 23.91 4.51 -0.67
CA LEU I 72 22.91 5.50 -0.26
C LEU I 72 23.41 6.92 -0.49
N GLN I 73 24.53 7.05 -1.19
CA GLN I 73 25.08 8.37 -1.48
C GLN I 73 25.31 9.24 -0.25
N VAL I 74 25.62 8.62 0.89
CA VAL I 74 25.88 9.37 2.11
C VAL I 74 27.35 9.72 2.12
N GLU I 75 27.66 11.00 2.28
CA GLU I 75 29.05 11.45 2.27
C GLU I 75 29.65 11.78 3.63
N ALA I 76 28.80 11.96 4.63
CA ALA I 76 29.30 12.29 5.96
C ALA I 76 28.52 11.51 7.00
N VAL I 77 29.14 11.32 8.15
CA VAL I 77 28.51 10.58 9.21
C VAL I 77 28.76 11.30 10.53
N VAL I 79 29.19 11.31 14.55
CA VAL I 79 29.70 10.38 15.56
C VAL I 79 29.09 10.73 16.91
N ASP I 80 28.46 9.74 17.55
CA ASP I 80 27.85 9.94 18.86
C ASP I 80 26.97 11.19 18.95
N TYR I 81 26.07 11.34 18.00
CA TYR I 81 25.15 12.46 17.98
C TYR I 81 24.23 12.45 19.21
N ARG I 82 24.00 13.62 19.80
CA ARG I 82 23.08 13.76 20.94
C ARG I 82 23.00 15.23 21.36
N PRO I 83 21.89 15.63 22.00
CA PRO I 83 21.64 17.00 22.47
C PRO I 83 22.71 17.53 23.42
N GLY I 84 23.12 16.68 24.37
CA GLY I 84 24.11 17.08 25.34
C GLY I 84 25.38 17.71 24.80
N THR I 85 25.98 17.06 23.81
CA THR I 85 27.21 17.57 23.20
C THR I 85 27.08 19.05 22.84
N HIS I 86 28.21 19.74 22.74
CA HIS I 86 28.21 21.15 22.44
C HIS I 86 28.89 21.45 21.10
N ARG I 87 29.01 20.40 20.28
CA ARG I 87 29.63 20.48 18.96
C ARG I 87 29.43 19.14 18.26
N ALA I 88 28.85 19.15 17.06
CA ALA I 88 28.63 17.92 16.31
C ALA I 88 29.97 17.37 15.78
N GLN I 89 30.21 16.08 15.96
CA GLN I 89 31.43 15.45 15.46
C GLN I 89 31.09 14.80 14.11
N VAL I 90 31.61 15.38 13.03
CA VAL I 90 31.32 14.85 11.71
C VAL I 90 32.53 14.21 11.05
N ALA I 91 32.31 13.06 10.43
CA ALA I 91 33.37 12.33 9.76
C ALA I 91 32.97 12.04 8.33
N ARG I 92 33.87 12.36 7.40
CA ARG I 92 33.62 12.14 5.98
C ARG I 92 33.77 10.66 5.68
N VAL I 93 32.84 10.11 4.92
CA VAL I 93 32.89 8.70 4.57
C VAL I 93 34.23 8.36 3.91
N LYS I 94 34.81 9.32 3.21
CA LYS I 94 36.10 9.11 2.54
C LYS I 94 37.21 8.95 3.56
N ASP I 95 37.15 9.74 4.64
CA ASP I 95 38.15 9.64 5.69
C ASP I 95 37.95 8.35 6.50
N LEU I 96 36.72 7.89 6.60
CA LEU I 96 36.43 6.67 7.33
C LEU I 96 36.88 5.47 6.48
N LEU I 97 36.70 5.59 5.17
CA LEU I 97 37.11 4.55 4.25
C LEU I 97 38.60 4.26 4.37
N GLU I 98 39.35 5.23 4.89
CA GLU I 98 40.78 5.08 5.06
C GLU I 98 41.05 4.60 6.48
N GLU I 99 40.32 5.17 7.43
CA GLU I 99 40.43 4.76 8.82
C GLU I 99 40.20 3.24 8.88
N VAL I 100 39.21 2.75 8.15
CA VAL I 100 38.90 1.32 8.16
C VAL I 100 39.97 0.49 7.46
N ARG I 101 40.87 1.13 6.74
CA ARG I 101 41.91 0.39 6.05
C ARG I 101 43.03 0.06 7.03
N ARG I 102 42.91 0.60 8.24
CA ARG I 102 43.89 0.32 9.29
C ARG I 102 43.30 -0.75 10.21
N ALA I 103 42.01 -1.03 10.02
CA ALA I 103 41.30 -2.03 10.82
C ALA I 103 41.48 -3.45 10.30
N LEU J 5 -7.15 22.79 12.16
CA LEU J 5 -5.91 21.98 12.27
C LEU J 5 -4.76 22.74 11.61
N SER J 6 -4.72 22.73 10.27
CA SER J 6 -3.68 23.42 9.53
C SER J 6 -3.87 24.95 9.42
N GLY J 7 -3.19 25.69 10.29
CA GLY J 7 -3.26 27.15 10.29
C GLY J 7 -1.91 27.70 9.87
N THR J 8 -1.25 28.49 10.72
CA THR J 8 0.08 28.97 10.36
C THR J 8 1.00 27.76 10.44
N TRP J 9 1.90 27.61 9.48
CA TRP J 9 2.82 26.47 9.47
C TRP J 9 4.19 26.80 10.02
N TYR J 10 4.68 25.92 10.90
CA TYR J 10 6.00 26.08 11.48
C TYR J 10 6.86 24.93 10.96
N VAL J 11 7.98 25.30 10.34
CA VAL J 11 8.88 24.33 9.74
C VAL J 11 10.34 24.69 10.03
N LEU J 12 11.23 23.77 9.67
CA LEU J 12 12.66 23.95 9.88
C LEU J 12 13.34 24.26 8.56
N GLU J 13 14.47 24.94 8.62
CA GLU J 13 15.24 25.26 7.43
C GLU J 13 16.65 25.68 7.80
N GLY J 14 17.62 25.32 6.98
CA GLY J 14 19.00 25.68 7.25
C GLY J 14 19.61 26.25 6.00
N ASP J 15 20.24 25.39 5.20
CA ASP J 15 20.81 25.81 3.93
C ASP J 15 19.61 26.26 3.12
N PRO J 16 19.65 27.50 2.60
CA PRO J 16 18.51 27.99 1.81
C PRO J 16 17.97 26.91 0.88
N GLY J 17 16.65 26.84 0.80
CA GLY J 17 16.05 25.86 -0.07
C GLY J 17 15.61 24.61 0.66
N GLU J 18 16.57 23.88 1.21
CA GLU J 18 16.21 22.65 1.90
C GLU J 18 16.17 22.67 3.43
N HIS J 19 15.16 21.96 3.92
CA HIS J 19 14.85 21.83 5.33
C HIS J 19 15.27 20.43 5.80
N LEU J 20 14.73 19.99 6.93
CA LEU J 20 15.10 18.70 7.46
C LEU J 20 14.35 17.55 6.79
N VAL J 21 15.10 16.59 6.26
CA VAL J 21 14.51 15.42 5.63
C VAL J 21 15.04 14.18 6.33
N VAL J 22 14.13 13.34 6.79
CA VAL J 22 14.57 12.13 7.46
C VAL J 22 14.20 10.97 6.56
N GLU J 23 15.22 10.23 6.16
CA GLU J 23 15.05 9.08 5.29
C GLU J 23 15.28 7.81 6.08
N ALA J 24 14.19 7.20 6.53
CA ALA J 24 14.26 5.97 7.31
C ALA J 24 13.52 4.87 6.56
N LEU J 25 14.20 3.75 6.34
CA LEU J 25 13.60 2.61 5.64
C LEU J 25 13.20 3.03 4.23
N GLY J 26 14.00 3.88 3.60
CA GLY J 26 13.71 4.34 2.26
C GLY J 26 12.76 5.52 2.15
N GLU J 27 11.80 5.58 3.07
CA GLU J 27 10.78 6.65 3.10
C GLU J 27 11.36 8.03 3.46
N ARG J 28 11.18 9.02 2.58
CA ARG J 28 11.69 10.36 2.84
C ARG J 28 10.61 11.28 3.42
N LEU J 29 10.82 11.74 4.65
CA LEU J 29 9.84 12.62 5.30
C LEU J 29 10.42 13.89 5.89
N SER J 30 9.61 14.94 5.88
CA SER J 30 10.01 16.20 6.47
C SER J 30 9.04 16.44 7.61
N GLY J 31 9.03 17.66 8.16
CA GLY J 31 8.13 17.93 9.26
C GLY J 31 7.43 19.27 9.22
N ILE J 32 6.19 19.27 9.68
CA ILE J 32 5.37 20.49 9.74
C ILE J 32 4.76 20.57 11.12
N TRP J 33 4.94 21.72 11.77
CA TRP J 33 4.36 21.92 13.09
C TRP J 33 3.28 22.99 13.05
N THR J 34 2.21 22.76 13.79
CA THR J 34 1.07 23.66 13.83
C THR J 34 1.19 24.78 14.86
N SER J 35 2.27 24.78 15.63
CA SER J 35 2.51 25.83 16.63
C SER J 35 4.00 26.03 16.78
N ARG J 36 4.42 27.24 17.11
CA ARG J 36 5.83 27.49 17.27
C ARG J 36 6.39 26.72 18.47
N GLU J 37 5.56 26.49 19.48
CA GLU J 37 5.99 25.76 20.68
C GLU J 37 6.48 24.34 20.41
N LEU J 38 5.65 23.54 19.74
CA LEU J 38 6.04 22.18 19.45
C LEU J 38 7.25 22.13 18.51
N ALA J 39 7.29 23.05 17.56
CA ALA J 39 8.40 23.10 16.61
C ALA J 39 9.69 23.49 17.32
N GLU J 40 9.57 24.29 18.38
CA GLU J 40 10.75 24.72 19.12
C GLU J 40 11.15 23.65 20.13
N ALA J 41 10.17 22.91 20.64
CA ALA J 41 10.45 21.84 21.59
C ALA J 41 11.24 20.78 20.83
N PHE J 42 10.83 20.49 19.59
CA PHE J 42 11.51 19.49 18.75
C PHE J 42 12.96 19.89 18.52
N LEU J 43 13.15 21.15 18.15
CA LEU J 43 14.49 21.68 17.85
C LEU J 43 15.40 21.64 19.08
N ALA J 44 14.83 21.92 20.24
CA ALA J 44 15.56 21.93 21.50
C ALA J 44 16.18 20.57 21.79
N HIS J 45 15.55 19.52 21.28
CA HIS J 45 16.07 18.17 21.46
C HIS J 45 16.82 17.65 20.23
N HIS J 46 16.99 18.52 19.23
CA HIS J 46 17.70 18.16 18.02
C HIS J 46 18.65 19.24 17.50
N PRO J 47 19.64 19.63 18.32
CA PRO J 47 20.65 20.65 18.01
C PRO J 47 21.70 20.13 17.00
N HIS J 48 22.60 21.02 16.59
CA HIS J 48 23.71 20.67 15.69
C HIS J 48 23.37 20.32 14.23
N LEU J 49 22.13 20.54 13.82
CA LEU J 49 21.74 20.20 12.46
C LEU J 49 21.60 21.46 11.62
N GLY J 50 22.05 22.59 12.18
CA GLY J 50 21.98 23.86 11.49
C GLY J 50 20.57 24.29 11.14
N ARG J 52 16.54 25.81 12.20
CA ARG J 52 15.85 26.84 12.98
C ARG J 52 14.41 26.90 12.46
N VAL J 53 13.47 27.19 13.35
CA VAL J 53 12.07 27.28 13.02
C VAL J 53 11.73 28.47 12.11
N SER J 54 10.83 28.25 11.16
CA SER J 54 10.41 29.29 10.22
C SER J 54 8.89 29.28 10.11
N ALA J 55 8.29 30.47 10.06
CA ALA J 55 6.84 30.61 9.98
C ALA J 55 6.32 30.76 8.56
N LEU J 56 5.26 30.02 8.24
CA LEU J 56 4.66 30.06 6.91
C LEU J 56 3.18 30.41 7.06
N GLU J 57 2.86 31.70 6.92
CA GLU J 57 1.47 32.13 7.07
C GLU J 57 0.67 32.21 5.77
N SER J 58 1.28 32.72 4.70
CA SER J 58 0.60 32.87 3.41
C SER J 58 0.54 31.59 2.58
N ARG J 59 -0.39 31.55 1.65
CA ARG J 59 -0.56 30.39 0.76
C ARG J 59 0.72 30.25 -0.06
N ALA J 60 1.31 31.38 -0.39
CA ALA J 60 2.53 31.42 -1.19
C ALA J 60 3.71 30.71 -0.48
N LEU J 61 3.98 31.15 0.74
CA LEU J 61 5.07 30.57 1.53
C LEU J 61 4.87 29.07 1.74
N LYS J 62 3.62 28.69 2.00
CA LYS J 62 3.30 27.28 2.23
C LYS J 62 3.53 26.49 0.95
N GLU J 63 3.02 27.00 -0.16
CA GLU J 63 3.19 26.31 -1.45
C GLU J 63 4.65 26.21 -1.85
N ALA J 64 5.42 27.27 -1.59
CA ALA J 64 6.84 27.31 -1.93
C ALA J 64 7.60 26.27 -1.13
N TYR J 65 7.15 26.02 0.09
CA TYR J 65 7.78 25.03 0.95
C TYR J 65 7.46 23.65 0.39
N LEU J 66 6.18 23.39 0.16
CA LEU J 66 5.71 22.11 -0.35
C LEU J 66 6.28 21.77 -1.71
N ARG J 67 6.50 22.77 -2.54
CA ARG J 67 7.07 22.51 -3.84
C ARG J 67 8.57 22.26 -3.65
N ALA J 68 9.16 22.88 -2.63
CA ALA J 68 10.58 22.66 -2.35
C ALA J 68 10.77 21.19 -2.02
N LEU J 69 9.94 20.67 -1.12
CA LEU J 69 10.01 19.27 -0.72
C LEU J 69 9.71 18.34 -1.89
N GLY J 70 8.76 18.77 -2.72
CA GLY J 70 8.36 17.98 -3.86
C GLY J 70 9.48 17.59 -4.79
N LEU J 72 12.52 17.48 -4.09
CA LEU J 72 13.54 16.74 -3.36
C LEU J 72 13.07 15.32 -3.05
N GLN J 73 12.01 14.91 -3.73
CA GLN J 73 11.47 13.57 -3.58
C GLN J 73 10.84 13.31 -2.22
N VAL J 74 10.53 14.36 -1.48
CA VAL J 74 9.89 14.18 -0.19
C VAL J 74 8.42 13.90 -0.50
N GLU J 75 8.00 12.66 -0.28
CA GLU J 75 6.62 12.25 -0.55
C GLU J 75 5.63 12.66 0.53
N ALA J 76 6.07 12.57 1.79
CA ALA J 76 5.20 12.90 2.90
C ALA J 76 5.82 13.80 3.97
N VAL J 77 4.98 14.19 4.94
CA VAL J 77 5.40 15.06 6.01
C VAL J 77 4.76 14.67 7.34
N VAL J 79 3.14 15.60 10.80
CA VAL J 79 2.44 16.74 11.34
C VAL J 79 2.46 16.75 12.87
N ASP J 80 3.07 17.78 13.43
CA ASP J 80 3.21 17.92 14.86
C ASP J 80 3.86 16.74 15.57
N TYR J 81 5.08 16.40 15.15
CA TYR J 81 5.81 15.30 15.76
C TYR J 81 6.20 15.73 17.18
N ARG J 82 5.98 14.85 18.15
CA ARG J 82 6.33 15.14 19.53
C ARG J 82 7.60 14.38 19.85
N PRO J 83 8.64 15.07 20.31
CA PRO J 83 9.91 14.40 20.63
C PRO J 83 9.69 13.17 21.52
N GLY J 84 10.35 12.08 21.19
CA GLY J 84 10.24 10.86 21.97
C GLY J 84 8.97 10.04 21.91
N THR J 85 8.08 10.30 20.95
CA THR J 85 6.84 9.54 20.88
C THR J 85 6.76 8.58 19.69
N HIS J 86 5.89 7.57 19.81
CA HIS J 86 5.69 6.57 18.77
C HIS J 86 4.80 7.14 17.68
N ARG J 87 3.58 7.48 18.06
CA ARG J 87 2.62 8.02 17.10
C ARG J 87 3.12 9.31 16.47
N ALA J 88 2.63 9.59 15.26
CA ALA J 88 2.99 10.78 14.50
C ALA J 88 2.29 10.69 13.16
N GLN J 89 1.26 11.53 12.99
CA GLN J 89 0.49 11.55 11.76
C GLN J 89 1.28 12.08 10.57
N VAL J 90 1.06 11.44 9.43
CA VAL J 90 1.74 11.78 8.19
C VAL J 90 0.77 12.38 7.18
N ALA J 91 1.29 13.27 6.35
CA ALA J 91 0.50 13.92 5.32
C ALA J 91 1.28 13.94 4.02
N ARG J 92 0.65 13.45 2.95
CA ARG J 92 1.30 13.40 1.65
C ARG J 92 1.45 14.81 1.08
N VAL J 93 2.56 15.05 0.40
CA VAL J 93 2.80 16.36 -0.20
C VAL J 93 1.78 16.63 -1.30
N LYS J 94 1.53 15.62 -2.15
CA LYS J 94 0.56 15.74 -3.24
C LYS J 94 -0.72 16.37 -2.72
N ASP J 95 -1.24 15.80 -1.63
CA ASP J 95 -2.47 16.27 -1.01
C ASP J 95 -2.31 17.66 -0.41
N LEU J 96 -1.31 17.83 0.46
CA LEU J 96 -1.08 19.14 1.08
C LEU J 96 -1.09 20.24 0.03
N LEU J 97 -0.57 19.94 -1.16
CA LEU J 97 -0.55 20.92 -2.23
C LEU J 97 -1.95 21.25 -2.69
N GLU J 98 -2.75 20.21 -2.92
CA GLU J 98 -4.14 20.41 -3.36
C GLU J 98 -4.93 21.13 -2.29
N GLU J 99 -4.46 21.05 -1.04
CA GLU J 99 -5.12 21.70 0.08
C GLU J 99 -4.82 23.19 0.14
N VAL J 100 -3.54 23.53 0.19
CA VAL J 100 -3.09 24.91 0.27
C VAL J 100 -3.69 25.79 -0.84
N ARG J 101 -4.38 25.17 -1.78
CA ARG J 101 -5.03 25.89 -2.88
C ARG J 101 -5.96 26.98 -2.33
N PRO K 3 20.22 -29.82 2.66
CA PRO K 3 19.18 -29.01 3.35
C PRO K 3 19.57 -28.76 4.81
N ASP K 4 20.47 -29.60 5.32
CA ASP K 4 20.92 -29.50 6.71
C ASP K 4 21.97 -28.39 6.89
N LEU K 5 21.56 -27.29 7.50
CA LEU K 5 22.45 -26.16 7.76
C LEU K 5 22.76 -26.03 9.24
N SER K 6 22.86 -27.15 9.94
CA SER K 6 23.17 -27.13 11.36
C SER K 6 24.67 -27.26 11.57
N GLY K 7 25.36 -27.84 10.59
CA GLY K 7 26.80 -28.01 10.72
C GLY K 7 27.57 -26.72 10.49
N THR K 8 28.86 -26.87 10.18
CA THR K 8 29.72 -25.75 9.92
C THR K 8 29.49 -25.22 8.51
N TRP K 9 29.30 -23.91 8.38
CA TRP K 9 29.08 -23.28 7.09
C TRP K 9 30.42 -23.01 6.42
N TYR K 10 30.51 -23.32 5.13
CA TYR K 10 31.72 -23.08 4.37
C TYR K 10 31.39 -22.01 3.36
N VAL K 11 32.01 -20.86 3.57
CA VAL K 11 31.80 -19.68 2.76
C VAL K 11 33.02 -19.27 1.93
N LEU K 12 32.81 -18.30 1.07
CA LEU K 12 33.86 -17.76 0.24
C LEU K 12 34.18 -16.37 0.80
N GLU K 13 35.44 -15.97 0.71
CA GLU K 13 35.85 -14.66 1.19
C GLU K 13 36.93 -14.13 0.27
N GLY K 14 36.91 -12.82 0.05
CA GLY K 14 37.92 -12.20 -0.79
C GLY K 14 38.47 -11.07 0.05
N ASP K 15 38.14 -9.84 -0.32
CA ASP K 15 38.56 -8.67 0.47
C ASP K 15 37.60 -8.74 1.65
N PRO K 16 37.94 -8.08 2.76
CA PRO K 16 37.04 -8.10 3.92
C PRO K 16 35.61 -7.77 3.52
N GLY K 17 34.67 -8.65 3.86
CA GLY K 17 33.27 -8.43 3.53
C GLY K 17 32.87 -8.87 2.15
N GLU K 18 33.84 -9.29 1.36
CA GLU K 18 33.59 -9.75 0.00
C GLU K 18 33.34 -11.26 0.07
N HIS K 19 32.12 -11.70 -0.23
CA HIS K 19 31.80 -13.12 -0.17
C HIS K 19 31.34 -13.69 -1.51
N LEU K 20 31.55 -12.94 -2.59
CA LEU K 20 31.18 -13.30 -3.96
C LEU K 20 29.67 -13.16 -4.17
N VAL K 21 29.27 -11.99 -4.67
CA VAL K 21 27.87 -11.72 -4.90
C VAL K 21 27.54 -11.70 -6.37
N VAL K 22 26.37 -12.25 -6.68
CA VAL K 22 25.89 -12.31 -8.03
C VAL K 22 24.53 -11.64 -8.11
N GLU K 23 24.27 -10.96 -9.23
CA GLU K 23 22.99 -10.31 -9.42
C GLU K 23 22.26 -11.15 -10.45
N ALA K 24 21.15 -11.74 -10.02
CA ALA K 24 20.34 -12.59 -10.87
C ALA K 24 18.94 -12.69 -10.26
N LEU K 25 17.96 -13.09 -11.08
CA LEU K 25 16.60 -13.24 -10.61
C LEU K 25 16.13 -11.94 -9.97
N GLY K 26 16.62 -10.83 -10.49
CA GLY K 26 16.23 -9.53 -9.96
C GLY K 26 16.55 -9.38 -8.48
N GLU K 27 17.76 -9.78 -8.11
CA GLU K 27 18.19 -9.69 -6.72
C GLU K 27 19.67 -9.98 -6.64
N ARG K 28 20.18 -10.00 -5.41
CA ARG K 28 21.59 -10.26 -5.17
C ARG K 28 21.71 -11.52 -4.31
N LEU K 29 22.56 -12.46 -4.74
CA LEU K 29 22.75 -13.69 -3.97
C LEU K 29 24.23 -13.95 -3.73
N SER K 30 24.49 -14.82 -2.77
CA SER K 30 25.83 -15.25 -2.44
C SER K 30 25.73 -16.75 -2.32
N GLY K 31 26.77 -17.39 -1.82
CA GLY K 31 26.76 -18.84 -1.70
C GLY K 31 27.22 -19.33 -0.34
N ILE K 32 26.68 -20.50 0.02
CA ILE K 32 26.98 -21.13 1.28
C ILE K 32 27.14 -22.62 0.97
N TRP K 33 28.09 -23.30 1.61
CA TRP K 33 28.32 -24.71 1.35
C TRP K 33 28.39 -25.55 2.64
N THR K 34 27.91 -26.79 2.56
CA THR K 34 27.89 -27.68 3.71
C THR K 34 29.18 -28.47 3.92
N SER K 35 30.03 -28.55 2.90
CA SER K 35 31.30 -29.27 3.02
C SER K 35 32.43 -28.36 2.60
N ARG K 36 33.62 -28.59 3.13
CA ARG K 36 34.76 -27.79 2.72
C ARG K 36 35.15 -28.26 1.33
N GLU K 37 34.84 -29.51 1.02
CA GLU K 37 35.15 -30.08 -0.28
C GLU K 37 34.21 -29.51 -1.36
N LEU K 38 32.94 -29.43 -1.03
CA LEU K 38 31.93 -28.90 -1.94
C LEU K 38 32.21 -27.44 -2.28
N ALA K 39 32.76 -26.71 -1.32
CA ALA K 39 33.08 -25.30 -1.51
C ALA K 39 34.39 -25.19 -2.30
N GLU K 40 35.32 -26.08 -1.99
CA GLU K 40 36.63 -26.09 -2.65
C GLU K 40 36.48 -26.49 -4.12
N ALA K 41 35.47 -27.31 -4.42
CA ALA K 41 35.22 -27.74 -5.79
C ALA K 41 34.71 -26.54 -6.56
N PHE K 42 33.77 -25.82 -5.95
CA PHE K 42 33.23 -24.63 -6.58
C PHE K 42 34.35 -23.62 -6.81
N LEU K 43 35.17 -23.39 -5.79
CA LEU K 43 36.27 -22.43 -5.92
C LEU K 43 37.26 -22.85 -6.98
N ALA K 44 37.56 -24.15 -7.06
CA ALA K 44 38.49 -24.63 -8.08
C ALA K 44 37.94 -24.31 -9.46
N HIS K 45 36.63 -24.28 -9.59
CA HIS K 45 35.97 -23.96 -10.86
C HIS K 45 35.84 -22.46 -11.07
N HIS K 46 36.26 -21.66 -10.08
CA HIS K 46 36.16 -20.21 -10.17
C HIS K 46 37.42 -19.47 -9.75
N PRO K 47 38.49 -19.58 -10.54
CA PRO K 47 39.76 -18.91 -10.21
C PRO K 47 39.77 -17.44 -10.63
N HIS K 48 40.84 -16.76 -10.27
CA HIS K 48 41.04 -15.35 -10.61
C HIS K 48 40.03 -14.40 -9.99
N LEU K 49 39.31 -14.85 -8.97
CA LEU K 49 38.34 -13.99 -8.31
C LEU K 49 38.90 -13.60 -6.94
N GLY K 50 40.10 -14.08 -6.64
CA GLY K 50 40.73 -13.76 -5.37
C GLY K 50 40.00 -14.29 -4.15
N ARG K 52 38.61 -17.42 -1.37
CA ARG K 52 39.13 -18.52 -0.57
C ARG K 52 37.97 -19.04 0.26
N VAL K 53 38.06 -20.30 0.68
CA VAL K 53 37.01 -20.90 1.48
C VAL K 53 37.26 -20.70 2.98
N SER K 54 36.28 -20.16 3.69
CA SER K 54 36.40 -19.98 5.12
C SER K 54 35.30 -20.76 5.84
N ALA K 55 35.66 -21.37 6.96
CA ALA K 55 34.68 -22.16 7.73
C ALA K 55 34.07 -21.32 8.84
N LEU K 56 32.75 -21.43 8.99
CA LEU K 56 32.03 -20.70 10.04
C LEU K 56 31.36 -21.75 10.93
N GLU K 57 32.05 -22.13 12.01
CA GLU K 57 31.56 -23.12 12.95
C GLU K 57 30.62 -22.53 14.01
N SER K 58 31.02 -21.38 14.55
CA SER K 58 30.26 -20.69 15.59
C SER K 58 28.98 -19.99 15.10
N ARG K 59 28.02 -19.81 16.01
CA ARG K 59 26.79 -19.13 15.64
C ARG K 59 27.07 -17.65 15.47
N ALA K 60 27.98 -17.13 16.30
CA ALA K 60 28.34 -15.72 16.22
C ALA K 60 29.04 -15.40 14.89
N LEU K 61 29.75 -16.37 14.34
CA LEU K 61 30.46 -16.17 13.06
C LEU K 61 29.53 -16.29 11.87
N LYS K 62 28.48 -17.09 12.01
CA LYS K 62 27.52 -17.26 10.92
C LYS K 62 26.71 -15.98 10.84
N GLU K 63 26.35 -15.46 12.01
CA GLU K 63 25.56 -14.25 12.10
C GLU K 63 26.33 -13.04 11.55
N ALA K 64 27.60 -12.93 11.92
CA ALA K 64 28.42 -11.82 11.43
C ALA K 64 28.49 -11.85 9.90
N TYR K 65 28.58 -13.07 9.37
CA TYR K 65 28.62 -13.27 7.92
C TYR K 65 27.33 -12.79 7.29
N LEU K 66 26.21 -13.21 7.88
CA LEU K 66 24.88 -12.85 7.40
C LEU K 66 24.62 -11.36 7.48
N ARG K 67 25.12 -10.71 8.52
CA ARG K 67 24.89 -9.28 8.63
C ARG K 67 25.73 -8.49 7.63
N ALA K 68 26.85 -9.07 7.22
CA ALA K 68 27.71 -8.45 6.23
C ALA K 68 26.92 -8.56 4.92
N LEU K 69 26.28 -9.71 4.72
CA LEU K 69 25.46 -9.96 3.53
C LEU K 69 24.23 -9.06 3.54
N GLY K 70 23.67 -8.84 4.72
CA GLY K 70 22.49 -8.00 4.85
C GLY K 70 22.80 -6.55 4.55
N LEU K 72 25.11 -5.44 2.65
CA LEU K 72 25.42 -5.33 1.24
C LEU K 72 24.16 -5.45 0.39
N GLN K 73 23.02 -5.67 1.04
CA GLN K 73 21.74 -5.82 0.35
C GLN K 73 21.66 -7.14 -0.41
N VAL K 74 22.06 -8.23 0.25
CA VAL K 74 21.99 -9.56 -0.36
C VAL K 74 20.79 -10.27 0.24
N GLU K 75 19.81 -10.59 -0.60
CA GLU K 75 18.57 -11.25 -0.16
C GLU K 75 18.66 -12.72 0.23
N ALA K 76 19.44 -13.51 -0.50
CA ALA K 76 19.54 -14.93 -0.21
C ALA K 76 20.84 -15.56 -0.67
N VAL K 77 21.01 -16.83 -0.34
CA VAL K 77 22.20 -17.57 -0.70
C VAL K 77 21.80 -18.89 -1.34
N VAL K 79 22.51 -22.79 -1.61
CA VAL K 79 23.12 -23.79 -0.73
C VAL K 79 23.69 -24.96 -1.53
N ASP K 80 25.01 -25.13 -1.45
CA ASP K 80 25.70 -26.20 -2.16
C ASP K 80 25.55 -26.15 -3.69
N TYR K 81 25.82 -24.98 -4.24
CA TYR K 81 25.74 -24.73 -5.68
C TYR K 81 26.77 -25.58 -6.45
N ARG K 82 26.27 -26.45 -7.34
CA ARG K 82 27.14 -27.30 -8.15
C ARG K 82 26.82 -27.15 -9.66
N PRO K 83 27.77 -27.54 -10.54
CA PRO K 83 27.57 -27.43 -12.00
C PRO K 83 26.15 -27.72 -12.47
N GLY K 84 25.70 -28.97 -12.34
CA GLY K 84 24.36 -29.31 -12.77
C GLY K 84 23.50 -29.73 -11.60
N THR K 85 22.31 -29.15 -11.47
CA THR K 85 21.42 -29.49 -10.35
C THR K 85 19.94 -29.47 -10.73
N HIS K 86 19.16 -30.28 -10.02
CA HIS K 86 17.72 -30.38 -10.24
C HIS K 86 17.13 -28.97 -10.10
N ARG K 87 17.32 -28.40 -8.91
CA ARG K 87 16.85 -27.05 -8.60
C ARG K 87 17.86 -26.46 -7.60
N ALA K 88 17.73 -25.17 -7.31
CA ALA K 88 18.65 -24.52 -6.39
C ALA K 88 18.05 -24.31 -5.00
N GLN K 89 18.89 -24.48 -3.99
CA GLN K 89 18.46 -24.31 -2.60
C GLN K 89 18.69 -22.84 -2.23
N VAL K 90 17.62 -22.05 -2.35
CA VAL K 90 17.70 -20.62 -2.07
C VAL K 90 17.22 -20.26 -0.67
N ALA K 91 18.15 -19.91 0.21
CA ALA K 91 17.79 -19.54 1.57
C ALA K 91 17.76 -18.01 1.74
N ARG K 92 16.70 -17.53 2.36
CA ARG K 92 16.51 -16.11 2.62
C ARG K 92 17.51 -15.69 3.69
N VAL K 93 18.17 -14.55 3.51
CA VAL K 93 19.15 -14.09 4.49
C VAL K 93 18.47 -13.73 5.81
N LYS K 94 17.29 -13.11 5.73
CA LYS K 94 16.55 -12.76 6.93
C LYS K 94 16.26 -14.02 7.73
N ASP K 95 15.79 -15.06 7.05
CA ASP K 95 15.47 -16.31 7.72
C ASP K 95 16.69 -17.01 8.29
N LEU K 96 17.86 -16.81 7.68
CA LEU K 96 19.07 -17.44 8.20
C LEU K 96 19.52 -16.73 9.46
N LEU K 97 19.27 -15.43 9.50
CA LEU K 97 19.65 -14.61 10.66
C LEU K 97 18.83 -15.00 11.89
N GLU K 98 17.51 -15.03 11.74
CA GLU K 98 16.62 -15.38 12.85
C GLU K 98 17.02 -16.71 13.49
N GLU K 99 17.25 -17.73 12.68
CA GLU K 99 17.62 -19.05 13.16
C GLU K 99 18.89 -19.03 14.00
N VAL K 100 19.94 -18.40 13.46
CA VAL K 100 21.22 -18.31 14.15
C VAL K 100 21.17 -17.44 15.41
N ARG K 101 20.31 -16.42 15.38
CA ARG K 101 20.15 -15.53 16.52
C ARG K 101 19.32 -16.22 17.60
N ASP L 4 40.13 -9.95 -31.68
CA ASP L 4 40.03 -9.97 -30.18
C ASP L 4 38.61 -9.62 -29.75
N LEU L 5 38.26 -8.33 -29.79
CA LEU L 5 36.92 -7.91 -29.38
C LEU L 5 36.15 -7.25 -30.52
N SER L 6 36.65 -7.39 -31.73
CA SER L 6 36.00 -6.75 -32.87
C SER L 6 34.77 -7.47 -33.42
N GLY L 7 34.59 -8.74 -33.05
CA GLY L 7 33.44 -9.47 -33.56
C GLY L 7 32.23 -9.46 -32.62
N THR L 8 31.24 -10.31 -32.91
CA THR L 8 30.05 -10.40 -32.08
C THR L 8 30.42 -10.65 -30.62
N TRP L 9 29.65 -10.07 -29.71
CA TRP L 9 29.89 -10.27 -28.29
C TRP L 9 28.78 -11.16 -27.75
N TYR L 10 29.14 -12.07 -26.86
CA TYR L 10 28.16 -12.96 -26.24
C TYR L 10 28.15 -12.67 -24.74
N VAL L 11 26.95 -12.45 -24.21
CA VAL L 11 26.78 -12.13 -22.81
C VAL L 11 25.57 -12.87 -22.24
N LEU L 12 25.49 -12.91 -20.92
CA LEU L 12 24.36 -13.54 -20.25
C LEU L 12 23.37 -12.45 -19.90
N GLU L 13 22.10 -12.77 -20.09
CA GLU L 13 21.01 -11.85 -19.81
C GLU L 13 19.84 -12.69 -19.32
N GLY L 14 19.06 -12.15 -18.39
CA GLY L 14 17.90 -12.87 -17.89
C GLY L 14 16.74 -12.20 -18.56
N ASP L 15 15.91 -11.48 -17.81
CA ASP L 15 14.82 -10.77 -18.43
C ASP L 15 15.41 -9.49 -19.01
N PRO L 16 14.91 -9.05 -20.18
CA PRO L 16 15.39 -7.85 -20.85
C PRO L 16 15.97 -6.79 -19.91
N GLY L 17 17.29 -6.61 -19.99
CA GLY L 17 17.94 -5.64 -19.13
C GLY L 17 18.63 -6.25 -17.93
N GLU L 18 18.32 -7.50 -17.61
CA GLU L 18 18.94 -8.18 -16.47
C GLU L 18 20.22 -8.85 -16.94
N HIS L 19 21.35 -8.27 -16.58
CA HIS L 19 22.63 -8.82 -16.99
C HIS L 19 23.34 -9.43 -15.80
N LEU L 20 24.15 -10.44 -16.08
CA LEU L 20 24.90 -11.09 -15.02
C LEU L 20 26.01 -10.16 -14.50
N VAL L 21 25.91 -9.77 -13.24
CA VAL L 21 26.90 -8.92 -12.61
C VAL L 21 27.38 -9.71 -11.41
N VAL L 22 28.69 -9.78 -11.20
CA VAL L 22 29.19 -10.48 -10.03
C VAL L 22 30.17 -9.54 -9.35
N GLU L 23 30.20 -9.58 -8.03
CA GLU L 23 31.11 -8.72 -7.32
C GLU L 23 32.30 -9.52 -6.82
N ALA L 24 33.46 -9.20 -7.35
CA ALA L 24 34.71 -9.83 -6.96
C ALA L 24 35.83 -8.83 -7.33
N LEU L 25 37.03 -9.11 -6.84
CA LEU L 25 38.20 -8.27 -7.11
C LEU L 25 38.00 -6.85 -6.66
N GLY L 26 37.15 -6.66 -5.65
CA GLY L 26 36.88 -5.32 -5.14
C GLY L 26 36.01 -4.49 -6.05
N GLU L 27 35.32 -5.13 -6.99
CA GLU L 27 34.46 -4.42 -7.93
C GLU L 27 33.22 -5.18 -8.37
N ARG L 28 32.47 -4.56 -9.26
CA ARG L 28 31.26 -5.13 -9.85
C ARG L 28 31.68 -5.44 -11.28
N LEU L 29 31.63 -6.72 -11.63
CA LEU L 29 32.02 -7.16 -12.97
C LEU L 29 30.88 -7.76 -13.76
N SER L 30 31.06 -7.81 -15.07
CA SER L 30 30.11 -8.44 -15.96
C SER L 30 31.01 -9.29 -16.84
N GLY L 31 30.44 -10.01 -17.80
CA GLY L 31 31.30 -10.82 -18.62
C GLY L 31 30.96 -10.75 -20.09
N ILE L 32 31.96 -11.01 -20.91
CA ILE L 32 31.80 -11.04 -22.36
C ILE L 32 32.56 -12.26 -22.85
N TRP L 33 32.03 -12.90 -23.89
CA TRP L 33 32.63 -14.06 -24.49
C TRP L 33 32.70 -13.79 -25.98
N THR L 34 33.72 -14.35 -26.64
CA THR L 34 33.94 -14.12 -28.05
C THR L 34 33.33 -15.13 -29.00
N SER L 35 32.72 -16.18 -28.46
CA SER L 35 32.09 -17.17 -29.31
C SER L 35 30.83 -17.63 -28.61
N ARG L 36 29.83 -18.02 -29.38
CA ARG L 36 28.58 -18.50 -28.80
C ARG L 36 28.86 -19.72 -27.91
N GLU L 37 29.70 -20.61 -28.42
CA GLU L 37 30.07 -21.84 -27.75
C GLU L 37 30.68 -21.57 -26.38
N LEU L 38 31.67 -20.68 -26.35
CA LEU L 38 32.32 -20.33 -25.08
C LEU L 38 31.33 -19.83 -24.03
N ALA L 39 30.35 -19.03 -24.46
CA ALA L 39 29.37 -18.49 -23.54
C ALA L 39 28.38 -19.56 -23.08
N GLU L 40 27.98 -20.42 -24.00
CA GLU L 40 27.04 -21.47 -23.69
C GLU L 40 27.68 -22.48 -22.74
N ALA L 41 29.01 -22.56 -22.77
CA ALA L 41 29.74 -23.47 -21.89
C ALA L 41 29.61 -22.94 -20.47
N PHE L 42 29.88 -21.65 -20.32
CA PHE L 42 29.79 -20.99 -19.02
C PHE L 42 28.36 -21.07 -18.48
N LEU L 43 27.38 -20.81 -19.34
CA LEU L 43 25.98 -20.85 -18.94
C LEU L 43 25.64 -22.26 -18.46
N ALA L 44 26.26 -23.26 -19.08
CA ALA L 44 26.02 -24.65 -18.72
C ALA L 44 26.62 -25.01 -17.36
N HIS L 45 27.47 -24.13 -16.84
CA HIS L 45 28.12 -24.36 -15.55
C HIS L 45 27.46 -23.54 -14.46
N HIS L 46 26.60 -22.61 -14.87
CA HIS L 46 25.93 -21.75 -13.91
C HIS L 46 24.44 -21.68 -14.15
N PRO L 47 23.71 -22.72 -13.72
CA PRO L 47 22.26 -22.84 -13.86
C PRO L 47 21.51 -22.14 -12.73
N HIS L 48 20.21 -21.98 -12.90
CA HIS L 48 19.36 -21.37 -11.88
C HIS L 48 19.56 -19.88 -11.64
N LEU L 49 20.23 -19.20 -12.56
CA LEU L 49 20.42 -17.77 -12.41
C LEU L 49 19.48 -17.04 -13.38
N GLY L 50 18.68 -17.83 -14.09
CA GLY L 50 17.70 -17.29 -15.04
C GLY L 50 18.35 -16.66 -16.26
N ARG L 52 20.35 -16.55 -20.07
CA ARG L 52 20.29 -17.11 -21.43
C ARG L 52 21.36 -16.35 -22.21
N VAL L 53 22.07 -17.05 -23.10
CA VAL L 53 23.10 -16.39 -23.89
C VAL L 53 22.45 -15.39 -24.84
N SER L 54 23.07 -14.22 -24.96
CA SER L 54 22.56 -13.18 -25.84
C SER L 54 23.69 -12.71 -26.75
N ALA L 55 23.38 -12.45 -28.01
CA ALA L 55 24.39 -12.01 -28.97
C ALA L 55 24.28 -10.51 -29.25
N LEU L 56 25.41 -9.81 -29.17
CA LEU L 56 25.46 -8.37 -29.45
C LEU L 56 26.27 -8.29 -30.73
N GLU L 57 25.58 -8.41 -31.87
CA GLU L 57 26.25 -8.41 -33.15
C GLU L 57 26.55 -7.06 -33.77
N SER L 58 25.80 -6.03 -33.40
CA SER L 58 26.02 -4.70 -33.98
C SER L 58 26.65 -3.73 -33.01
N ARG L 59 27.08 -2.59 -33.53
CA ARG L 59 27.67 -1.60 -32.66
C ARG L 59 26.59 -1.01 -31.74
N ALA L 60 25.38 -0.85 -32.26
CA ALA L 60 24.27 -0.31 -31.47
C ALA L 60 24.04 -1.15 -30.21
N LEU L 61 23.97 -2.46 -30.39
CA LEU L 61 23.74 -3.35 -29.25
C LEU L 61 24.93 -3.35 -28.31
N LYS L 62 26.13 -3.21 -28.87
CA LYS L 62 27.33 -3.17 -28.05
C LYS L 62 27.27 -1.91 -27.21
N GLU L 63 26.87 -0.81 -27.84
CA GLU L 63 26.74 0.49 -27.17
C GLU L 63 25.73 0.45 -26.04
N ALA L 64 24.53 -0.04 -26.35
CA ALA L 64 23.46 -0.16 -25.37
C ALA L 64 23.92 -1.00 -24.19
N TYR L 65 24.64 -2.08 -24.48
CA TYR L 65 25.13 -2.94 -23.42
C TYR L 65 26.09 -2.16 -22.52
N LEU L 66 27.05 -1.46 -23.13
CA LEU L 66 28.01 -0.71 -22.33
C LEU L 66 27.29 0.35 -21.51
N ARG L 67 26.24 0.93 -22.10
CA ARG L 67 25.47 1.93 -21.38
C ARG L 67 24.76 1.26 -20.22
N ALA L 68 24.24 0.05 -20.44
CA ALA L 68 23.58 -0.70 -19.39
C ALA L 68 24.57 -0.92 -18.25
N LEU L 69 25.78 -1.35 -18.58
CA LEU L 69 26.77 -1.58 -17.54
C LEU L 69 26.97 -0.30 -16.76
N GLY L 70 26.97 0.84 -17.45
CA GLY L 70 27.12 2.11 -16.76
C GLY L 70 25.99 2.28 -15.74
N LEU L 72 24.32 0.10 -14.37
CA LEU L 72 24.46 -0.95 -13.38
C LEU L 72 25.69 -0.79 -12.47
N GLN L 73 26.46 0.27 -12.67
CA GLN L 73 27.65 0.52 -11.86
C GLN L 73 28.75 -0.53 -12.08
N VAL L 74 28.83 -1.06 -13.30
CA VAL L 74 29.84 -2.07 -13.59
C VAL L 74 31.07 -1.37 -14.18
N GLU L 75 32.19 -1.51 -13.50
CA GLU L 75 33.45 -0.88 -13.90
C GLU L 75 34.28 -1.64 -14.93
N ALA L 76 34.24 -2.97 -14.87
CA ALA L 76 35.01 -3.78 -15.80
C ALA L 76 34.26 -5.03 -16.22
N VAL L 77 34.79 -5.70 -17.23
CA VAL L 77 34.19 -6.93 -17.73
C VAL L 77 35.28 -7.96 -17.94
N VAL L 79 36.70 -10.98 -19.95
CA VAL L 79 36.55 -11.50 -21.31
C VAL L 79 36.87 -12.99 -21.39
N ASP L 80 35.92 -13.77 -21.90
CA ASP L 80 36.08 -15.21 -22.04
C ASP L 80 36.45 -15.93 -20.76
N TYR L 81 35.75 -15.64 -19.67
CA TYR L 81 36.05 -16.31 -18.42
C TYR L 81 35.73 -17.79 -18.54
N ARG L 82 36.66 -18.63 -18.08
CA ARG L 82 36.45 -20.07 -18.11
C ARG L 82 37.25 -20.67 -16.97
N PRO L 83 36.83 -21.85 -16.46
CA PRO L 83 37.57 -22.47 -15.38
C PRO L 83 39.03 -22.60 -15.77
N GLY L 84 39.27 -22.62 -17.09
CA GLY L 84 40.61 -22.73 -17.63
C GLY L 84 41.65 -21.98 -16.81
N THR L 85 42.90 -22.39 -16.93
CA THR L 85 43.99 -21.78 -16.19
C THR L 85 44.42 -20.40 -16.69
N HIS L 86 45.54 -20.36 -17.41
CA HIS L 86 46.07 -19.10 -17.92
C HIS L 86 45.79 -17.97 -16.92
N ARG L 87 45.33 -16.83 -17.40
CA ARG L 87 45.04 -15.70 -16.53
C ARG L 87 43.65 -15.12 -16.82
N ALA L 88 43.26 -14.13 -16.04
CA ALA L 88 41.97 -13.50 -16.23
C ALA L 88 42.15 -12.19 -16.98
N GLN L 89 41.41 -12.04 -18.07
CA GLN L 89 41.47 -10.83 -18.85
C GLN L 89 40.31 -9.93 -18.45
N VAL L 90 40.66 -8.77 -17.91
CA VAL L 90 39.66 -7.81 -17.44
C VAL L 90 39.77 -6.49 -18.18
N ALA L 91 38.71 -6.11 -18.88
CA ALA L 91 38.68 -4.86 -19.64
C ALA L 91 37.82 -3.84 -18.91
N ARG L 92 38.33 -2.63 -18.80
CA ARG L 92 37.60 -1.56 -18.15
C ARG L 92 36.46 -1.14 -19.08
N VAL L 93 35.30 -0.88 -18.51
CA VAL L 93 34.17 -0.44 -19.32
C VAL L 93 34.53 0.88 -19.95
N LYS L 94 35.36 1.64 -19.26
CA LYS L 94 35.82 2.93 -19.74
C LYS L 94 36.48 2.76 -21.10
N ASP L 95 37.35 1.77 -21.21
CA ASP L 95 38.06 1.51 -22.45
C ASP L 95 37.18 0.87 -23.52
N LEU L 96 36.24 0.02 -23.12
CA LEU L 96 35.38 -0.61 -24.11
C LEU L 96 34.50 0.46 -24.74
N LEU L 97 34.24 1.53 -23.99
CA LEU L 97 33.43 2.64 -24.51
C LEU L 97 34.11 3.29 -25.70
N GLU L 98 35.43 3.31 -25.66
CA GLU L 98 36.23 3.91 -26.71
C GLU L 98 36.51 2.87 -27.79
N GLU L 99 36.77 1.64 -27.37
CA GLU L 99 37.05 0.58 -28.33
C GLU L 99 35.86 0.40 -29.26
N VAL L 100 34.65 0.34 -28.69
CA VAL L 100 33.44 0.15 -29.46
C VAL L 100 33.23 1.22 -30.56
N ARG L 101 33.97 2.32 -30.48
CA ARG L 101 33.89 3.39 -31.48
C ARG L 101 34.40 2.89 -32.85
N ARG L 102 35.18 1.83 -32.85
CA ARG L 102 35.72 1.29 -34.08
C ARG L 102 34.80 0.24 -34.71
N ALA L 103 33.66 -0.02 -34.06
CA ALA L 103 32.72 -1.02 -34.56
C ALA L 103 31.58 -0.40 -35.38
#